data_7YZW
#
_entry.id   7YZW
#
_cell.length_a   142.671
_cell.length_b   142.671
_cell.length_c   160.307
_cell.angle_alpha   90.000
_cell.angle_beta   90.000
_cell.angle_gamma   120.000
#
_symmetry.space_group_name_H-M   'P 64 2 2'
#
loop_
_entity.id
_entity.type
_entity.pdbx_description
1 polymer nanobody
2 non-polymer 'SULFATE ION'
3 non-polymer GLYCEROL
4 non-polymer '3-CYCLOHEXYL-1-PROPYLSULFONIC ACID'
5 water water
#
_entity_poly.entity_id   1
_entity_poly.type   'polypeptide(L)'
_entity_poly.pdbx_seq_one_letter_code
;MAQVQLVESGGGLVQPGGSLRLSCAASGFTFDAYGMGWFRQDPGKEREFVAALIWSGSSTAYADSVKGRFTISRDNAKNT
LYLQMNNPKPEDTAVYYCARHRTAGFSRRDYEYDYWGQGTQVTVSSHHHHHH
;
_entity_poly.pdbx_strand_id   A,B,C,D,E,F
#
loop_
_chem_comp.id
_chem_comp.type
_chem_comp.name
_chem_comp.formula
CXS non-polymer '3-CYCLOHEXYL-1-PROPYLSULFONIC ACID' 'C9 H19 N O3 S'
GOL non-polymer GLYCEROL 'C3 H8 O3'
SO4 non-polymer 'SULFATE ION' 'O4 S -2'
#
# COMPACT_ATOMS: atom_id res chain seq x y z
N GLN A 3 18.47 5.55 -20.96
CA GLN A 3 18.92 4.37 -21.68
C GLN A 3 17.78 3.34 -21.69
N VAL A 4 16.57 3.80 -22.07
CA VAL A 4 15.44 2.89 -22.20
C VAL A 4 15.70 1.99 -23.41
N GLN A 5 15.66 0.66 -23.21
CA GLN A 5 15.86 -0.29 -24.30
C GLN A 5 14.74 -1.33 -24.32
N LEU A 6 14.18 -1.62 -25.51
CA LEU A 6 13.13 -2.62 -25.71
C LEU A 6 13.63 -3.45 -26.88
N VAL A 7 13.99 -4.72 -26.64
CA VAL A 7 14.58 -5.56 -27.69
C VAL A 7 13.74 -6.80 -27.97
N GLU A 8 13.05 -6.84 -29.12
CA GLU A 8 12.20 -7.97 -29.49
C GLU A 8 12.98 -9.07 -30.16
N SER A 9 12.50 -10.28 -29.94
CA SER A 9 13.04 -11.47 -30.60
C SER A 9 11.94 -12.54 -30.73
N GLY A 10 12.16 -13.50 -31.63
CA GLY A 10 11.23 -14.62 -31.75
C GLY A 10 10.41 -14.68 -33.03
N GLY A 11 10.45 -13.62 -33.83
CA GLY A 11 9.76 -13.60 -35.11
C GLY A 11 10.36 -14.62 -36.06
N GLY A 12 9.55 -15.12 -36.96
CA GLY A 12 9.99 -16.10 -37.94
C GLY A 12 8.84 -16.65 -38.73
N LEU A 13 9.13 -17.65 -39.55
CA LEU A 13 8.10 -18.29 -40.35
C LEU A 13 7.39 -19.33 -39.49
N VAL A 14 6.07 -19.32 -39.52
CA VAL A 14 5.26 -20.30 -38.77
C VAL A 14 4.12 -20.78 -39.67
N GLN A 15 3.76 -22.06 -39.58
CA GLN A 15 2.63 -22.60 -40.33
C GLN A 15 1.34 -22.24 -39.60
N PRO A 16 0.24 -21.98 -40.31
CA PRO A 16 -1.03 -21.65 -39.62
C PRO A 16 -1.48 -22.67 -38.55
N GLY A 17 -0.95 -23.89 -38.58
CA GLY A 17 -1.25 -24.88 -37.55
C GLY A 17 -0.16 -25.03 -36.49
N GLY A 18 0.63 -23.98 -36.28
CA GLY A 18 1.72 -24.00 -35.32
C GLY A 18 1.62 -22.98 -34.19
N SER A 19 2.75 -22.67 -33.55
CA SER A 19 2.81 -21.70 -32.44
C SER A 19 4.12 -20.91 -32.50
N LEU A 20 4.09 -19.69 -31.99
CA LEU A 20 5.27 -18.83 -31.99
C LEU A 20 5.20 -17.93 -30.76
N ARG A 21 6.33 -17.69 -30.08
CA ARG A 21 6.35 -16.83 -28.90
CA ARG A 21 6.34 -16.83 -28.91
C ARG A 21 7.30 -15.67 -29.12
N LEU A 22 6.79 -14.44 -29.05
CA LEU A 22 7.65 -13.27 -29.19
C LEU A 22 8.06 -12.85 -27.78
N SER A 23 9.28 -12.35 -27.64
CA SER A 23 9.79 -11.85 -26.37
C SER A 23 10.28 -10.43 -26.56
N CYS A 24 10.18 -9.61 -25.54
CA CYS A 24 10.68 -8.24 -25.59
C CYS A 24 11.45 -8.00 -24.29
N ALA A 25 12.76 -7.89 -24.39
CA ALA A 25 13.62 -7.66 -23.21
C ALA A 25 13.69 -6.17 -22.93
N ALA A 26 13.18 -5.75 -21.76
CA ALA A 26 13.12 -4.33 -21.40
C ALA A 26 14.20 -3.99 -20.37
N SER A 27 14.78 -2.78 -20.48
CA SER A 27 15.75 -2.29 -19.51
C SER A 27 15.83 -0.75 -19.52
N GLY A 28 16.49 -0.17 -18.51
CA GLY A 28 16.69 1.28 -18.45
C GLY A 28 15.55 2.08 -17.85
N PHE A 29 14.56 1.39 -17.27
CA PHE A 29 13.44 2.04 -16.58
C PHE A 29 12.85 1.02 -15.58
N THR A 30 11.96 1.48 -14.68
CA THR A 30 11.33 0.59 -13.72
C THR A 30 10.24 -0.17 -14.47
N PHE A 31 10.54 -1.38 -14.95
CA PHE A 31 9.61 -2.13 -15.79
C PHE A 31 8.22 -2.29 -15.18
N ASP A 32 8.17 -2.68 -13.90
CA ASP A 32 6.88 -2.94 -13.27
C ASP A 32 6.10 -1.66 -12.88
N ALA A 33 6.54 -0.48 -13.32
CA ALA A 33 5.78 0.75 -13.08
C ALA A 33 4.92 1.12 -14.31
N TYR A 34 5.17 0.47 -15.48
CA TYR A 34 4.51 0.86 -16.71
C TYR A 34 3.70 -0.22 -17.38
N GLY A 35 2.64 0.21 -18.04
CA GLY A 35 1.88 -0.66 -18.93
C GLY A 35 2.73 -0.93 -20.17
N MET A 36 2.49 -2.06 -20.84
CA MET A 36 3.26 -2.43 -22.04
C MET A 36 2.30 -2.96 -23.09
N GLY A 37 2.69 -2.83 -24.35
CA GLY A 37 1.85 -3.33 -25.42
C GLY A 37 2.60 -3.86 -26.62
N TRP A 38 1.84 -4.53 -27.50
CA TRP A 38 2.33 -5.01 -28.78
C TRP A 38 1.49 -4.36 -29.86
N PHE A 39 2.18 -3.88 -30.89
CA PHE A 39 1.57 -3.33 -32.10
C PHE A 39 2.15 -4.10 -33.29
N ARG A 40 1.47 -4.05 -34.42
CA ARG A 40 2.00 -4.68 -35.63
C ARG A 40 1.79 -3.81 -36.85
N GLN A 41 2.60 -4.00 -37.87
CA GLN A 41 2.51 -3.16 -39.05
C GLN A 41 2.86 -3.91 -40.31
N ASP A 42 1.99 -3.77 -41.31
CA ASP A 42 2.12 -4.30 -42.65
C ASP A 42 2.66 -3.13 -43.51
N PRO A 43 3.54 -3.41 -44.49
CA PRO A 43 4.08 -2.33 -45.33
C PRO A 43 3.03 -1.38 -45.91
N GLY A 44 3.25 -0.08 -45.77
CA GLY A 44 2.33 0.94 -46.29
C GLY A 44 1.10 1.21 -45.45
N LYS A 45 0.94 0.49 -44.34
CA LYS A 45 -0.22 0.67 -43.46
C LYS A 45 0.18 1.17 -42.08
N GLU A 46 -0.80 1.69 -41.33
CA GLU A 46 -0.55 2.24 -40.00
C GLU A 46 -0.28 1.13 -39.01
N ARG A 47 0.33 1.48 -37.87
CA ARG A 47 0.59 0.54 -36.77
C ARG A 47 -0.76 0.17 -36.17
N GLU A 48 -1.03 -1.12 -36.03
CA GLU A 48 -2.29 -1.65 -35.50
C GLU A 48 -2.07 -2.16 -34.09
N PHE A 49 -2.94 -1.78 -33.17
CA PHE A 49 -2.88 -2.29 -31.80
C PHE A 49 -3.13 -3.79 -31.80
N VAL A 50 -2.31 -4.57 -31.08
CA VAL A 50 -2.50 -6.01 -30.97
C VAL A 50 -3.00 -6.39 -29.56
N ALA A 51 -2.22 -6.02 -28.54
CA ALA A 51 -2.56 -6.38 -27.17
C ALA A 51 -1.79 -5.48 -26.20
N ALA A 52 -2.28 -5.36 -24.98
CA ALA A 52 -1.60 -4.59 -23.95
C ALA A 52 -1.96 -5.09 -22.57
N LEU A 53 -1.13 -4.77 -21.58
CA LEU A 53 -1.42 -5.12 -20.20
C LEU A 53 -0.91 -4.06 -19.24
N ILE A 54 -1.57 -3.93 -18.06
CA ILE A 54 -1.14 -2.94 -17.09
C ILE A 54 0.19 -3.36 -16.41
N TRP A 55 0.77 -2.46 -15.60
CA TRP A 55 2.01 -2.65 -14.86
C TRP A 55 2.14 -4.02 -14.21
N SER A 56 1.08 -4.45 -13.53
CA SER A 56 1.12 -5.70 -12.78
C SER A 56 0.80 -6.97 -13.61
N GLY A 57 0.19 -6.77 -14.79
CA GLY A 57 -0.28 -7.84 -15.64
C GLY A 57 -1.68 -8.29 -15.32
N SER A 58 -2.33 -7.71 -14.27
CA SER A 58 -3.64 -8.20 -13.83
C SER A 58 -4.81 -7.92 -14.77
N SER A 59 -4.68 -6.90 -15.63
CA SER A 59 -5.69 -6.52 -16.61
C SER A 59 -5.00 -6.45 -17.99
N THR A 60 -5.70 -6.98 -19.02
CA THR A 60 -5.19 -7.06 -20.39
C THR A 60 -6.27 -6.57 -21.37
N ALA A 61 -5.86 -6.32 -22.62
CA ALA A 61 -6.77 -5.97 -23.69
C ALA A 61 -6.20 -6.55 -24.99
N TYR A 62 -7.08 -6.91 -25.91
CA TYR A 62 -6.67 -7.47 -27.18
C TYR A 62 -7.47 -6.87 -28.30
N ALA A 63 -6.87 -6.81 -29.50
CA ALA A 63 -7.60 -6.43 -30.72
C ALA A 63 -8.69 -7.54 -30.92
N ASP A 64 -9.90 -7.18 -31.34
CA ASP A 64 -10.96 -8.16 -31.52
C ASP A 64 -10.56 -9.34 -32.42
N SER A 65 -9.78 -9.08 -33.47
CA SER A 65 -9.35 -10.10 -34.42
C SER A 65 -8.32 -11.11 -33.90
N VAL A 66 -7.66 -10.83 -32.75
CA VAL A 66 -6.67 -11.76 -32.19
C VAL A 66 -7.16 -12.42 -30.87
N LYS A 67 -8.31 -11.97 -30.32
CA LYS A 67 -8.90 -12.49 -29.08
C LYS A 67 -9.07 -14.01 -29.17
N GLY A 68 -8.57 -14.72 -28.18
CA GLY A 68 -8.65 -16.18 -28.14
C GLY A 68 -7.56 -16.92 -28.91
N ARG A 69 -6.74 -16.17 -29.68
CA ARG A 69 -5.66 -16.79 -30.47
C ARG A 69 -4.28 -16.40 -29.93
N PHE A 70 -4.18 -15.19 -29.35
CA PHE A 70 -2.91 -14.72 -28.79
C PHE A 70 -3.11 -14.51 -27.27
N THR A 71 -2.02 -14.67 -26.50
CA THR A 71 -2.01 -14.35 -25.07
C THR A 71 -0.83 -13.42 -24.78
N ILE A 72 -1.10 -12.27 -24.15
CA ILE A 72 -0.06 -11.36 -23.72
C ILE A 72 0.26 -11.65 -22.24
N SER A 73 1.54 -11.55 -21.88
CA SER A 73 1.94 -11.74 -20.48
C SER A 73 3.25 -11.00 -20.25
N ARG A 74 3.66 -10.87 -18.99
CA ARG A 74 4.92 -10.25 -18.66
C ARG A 74 5.53 -10.94 -17.47
N ASP A 75 6.85 -10.79 -17.31
CA ASP A 75 7.55 -11.36 -16.16
C ASP A 75 8.22 -10.16 -15.52
N ASN A 76 7.72 -9.75 -14.35
CA ASN A 76 8.22 -8.53 -13.71
C ASN A 76 9.50 -8.69 -12.93
N ALA A 77 10.07 -9.89 -12.85
CA ALA A 77 11.40 -10.07 -12.23
C ALA A 77 12.45 -10.08 -13.37
N LYS A 78 12.13 -10.73 -14.51
CA LYS A 78 13.03 -10.79 -15.68
C LYS A 78 12.96 -9.52 -16.56
N ASN A 79 11.96 -8.64 -16.31
CA ASN A 79 11.76 -7.43 -17.11
C ASN A 79 11.51 -7.81 -18.58
N THR A 80 10.61 -8.76 -18.79
CA THR A 80 10.30 -9.22 -20.15
CA THR A 80 10.32 -9.24 -20.15
C THR A 80 8.82 -9.20 -20.45
N LEU A 81 8.47 -8.85 -21.67
CA LEU A 81 7.09 -8.83 -22.16
C LEU A 81 6.98 -9.96 -23.22
N TYR A 82 5.89 -10.72 -23.22
CA TYR A 82 5.71 -11.82 -24.18
C TYR A 82 4.43 -11.68 -24.98
N LEU A 83 4.43 -12.28 -26.20
CA LEU A 83 3.22 -12.42 -26.99
C LEU A 83 3.21 -13.87 -27.48
N GLN A 84 2.32 -14.69 -26.92
CA GLN A 84 2.25 -16.10 -27.28
C GLN A 84 1.18 -16.26 -28.35
N MET A 85 1.58 -16.63 -29.57
CA MET A 85 0.64 -16.86 -30.66
C MET A 85 0.31 -18.33 -30.64
N ASN A 86 -0.84 -18.68 -30.09
CA ASN A 86 -1.24 -20.08 -30.00
C ASN A 86 -1.96 -20.57 -31.24
N ASN A 87 -2.67 -19.68 -31.96
CA ASN A 87 -3.36 -20.04 -33.20
C ASN A 87 -3.09 -18.97 -34.27
N PRO A 88 -1.87 -18.94 -34.84
CA PRO A 88 -1.55 -17.94 -35.87
C PRO A 88 -2.25 -18.20 -37.20
N LYS A 89 -2.62 -17.13 -37.91
CA LYS A 89 -3.32 -17.16 -39.19
C LYS A 89 -2.58 -16.28 -40.22
N PRO A 90 -2.81 -16.46 -41.54
CA PRO A 90 -2.12 -15.61 -42.53
C PRO A 90 -2.26 -14.10 -42.30
N GLU A 91 -3.42 -13.65 -41.81
CA GLU A 91 -3.65 -12.23 -41.51
C GLU A 91 -2.68 -11.67 -40.45
N ASP A 92 -2.00 -12.54 -39.70
CA ASP A 92 -1.07 -12.11 -38.66
C ASP A 92 0.31 -11.75 -39.19
N THR A 93 0.61 -11.98 -40.48
CA THR A 93 1.91 -11.61 -41.05
C THR A 93 2.11 -10.10 -40.96
N ALA A 94 3.18 -9.67 -40.29
CA ALA A 94 3.47 -8.25 -40.01
C ALA A 94 4.78 -8.12 -39.21
N VAL A 95 5.31 -6.89 -39.07
CA VAL A 95 6.42 -6.64 -38.17
C VAL A 95 5.75 -6.31 -36.83
N TYR A 96 6.14 -6.98 -35.76
CA TYR A 96 5.57 -6.78 -34.44
C TYR A 96 6.52 -5.94 -33.58
N TYR A 97 5.97 -4.94 -32.87
CA TYR A 97 6.75 -4.06 -32.04
C TYR A 97 6.26 -4.13 -30.62
N CYS A 98 7.21 -4.12 -29.67
CA CYS A 98 6.79 -3.95 -28.28
C CYS A 98 6.97 -2.45 -27.96
N ALA A 99 6.12 -1.97 -27.07
CA ALA A 99 6.12 -0.56 -26.75
C ALA A 99 5.74 -0.35 -25.29
N ARG A 100 6.31 0.71 -24.72
CA ARG A 100 6.01 1.07 -23.32
C ARG A 100 4.91 2.08 -23.32
N HIS A 101 3.85 1.86 -22.51
CA HIS A 101 2.82 2.91 -22.41
C HIS A 101 3.41 4.08 -21.62
N ARG A 102 2.92 5.31 -21.85
CA ARG A 102 3.43 6.41 -21.03
C ARG A 102 2.91 6.33 -19.59
N THR A 103 1.87 5.51 -19.31
CA THR A 103 1.25 5.38 -17.99
C THR A 103 1.43 3.96 -17.39
N ALA A 104 0.96 3.75 -16.14
CA ALA A 104 0.94 2.43 -15.50
C ALA A 104 -0.15 1.51 -16.12
N GLY A 105 -1.07 2.06 -16.92
CA GLY A 105 -2.11 1.26 -17.57
C GLY A 105 -1.82 1.16 -19.05
N PHE A 106 -2.88 1.14 -19.87
CA PHE A 106 -2.68 1.11 -21.32
C PHE A 106 -3.79 1.84 -22.06
N SER A 107 -3.62 1.98 -23.35
CA SER A 107 -4.64 2.52 -24.25
C SER A 107 -4.40 1.87 -25.64
N ARG A 108 -5.29 2.13 -26.61
CA ARG A 108 -5.14 1.55 -27.95
C ARG A 108 -4.52 2.53 -28.95
N ARG A 109 -3.97 3.66 -28.47
CA ARG A 109 -3.42 4.71 -29.33
C ARG A 109 -1.91 4.61 -29.37
N ASP A 110 -1.34 4.38 -30.57
CA ASP A 110 0.11 4.25 -30.69
C ASP A 110 0.87 5.46 -30.17
N TYR A 111 0.34 6.67 -30.37
CA TYR A 111 1.02 7.88 -29.92
C TYR A 111 1.07 8.04 -28.39
N GLU A 112 0.33 7.20 -27.64
CA GLU A 112 0.37 7.24 -26.17
C GLU A 112 1.41 6.27 -25.58
N TYR A 113 2.17 5.58 -26.45
CA TYR A 113 3.27 4.71 -26.04
C TYR A 113 4.52 5.52 -26.35
N ASP A 114 5.36 5.76 -25.32
CA ASP A 114 6.45 6.70 -25.46
C ASP A 114 7.81 6.11 -25.84
N TYR A 115 7.99 4.76 -25.78
CA TYR A 115 9.21 4.08 -26.24
C TYR A 115 8.83 2.84 -27.02
N TRP A 116 9.60 2.55 -28.08
CA TRP A 116 9.32 1.47 -29.01
C TRP A 116 10.54 0.64 -29.27
N GLY A 117 10.32 -0.67 -29.47
CA GLY A 117 11.42 -1.53 -29.88
C GLY A 117 11.69 -1.40 -31.38
N GLN A 118 12.61 -2.22 -31.85
CA GLN A 118 13.10 -2.28 -33.24
C GLN A 118 12.20 -3.11 -34.18
N GLY A 119 11.32 -3.92 -33.61
CA GLY A 119 10.43 -4.78 -34.39
C GLY A 119 11.00 -6.15 -34.73
N THR A 120 10.12 -7.14 -34.91
CA THR A 120 10.49 -8.48 -35.35
C THR A 120 9.45 -8.98 -36.37
N GLN A 121 9.89 -9.46 -37.53
CA GLN A 121 8.97 -9.92 -38.58
C GLN A 121 8.37 -11.26 -38.25
N VAL A 122 7.04 -11.37 -38.34
CA VAL A 122 6.36 -12.65 -38.20
C VAL A 122 5.74 -12.96 -39.57
N THR A 123 5.92 -14.20 -40.06
CA THR A 123 5.36 -14.58 -41.34
C THR A 123 4.59 -15.87 -41.15
N VAL A 124 3.28 -15.85 -41.43
CA VAL A 124 2.46 -17.05 -41.27
C VAL A 124 2.14 -17.58 -42.66
N SER A 125 2.64 -18.76 -43.01
CA SER A 125 2.39 -19.32 -44.33
C SER A 125 0.93 -19.76 -44.46
N GLN B 3 -13.90 6.51 29.12
CA GLN B 3 -12.84 5.99 29.97
C GLN B 3 -11.43 6.34 29.46
N VAL B 4 -10.50 6.60 30.39
CA VAL B 4 -9.12 6.90 30.02
C VAL B 4 -8.52 5.58 29.49
N GLN B 5 -7.93 5.62 28.30
CA GLN B 5 -7.30 4.44 27.72
CA GLN B 5 -7.30 4.44 27.73
C GLN B 5 -5.92 4.81 27.17
N LEU B 6 -4.94 3.97 27.43
CA LEU B 6 -3.57 4.14 26.93
C LEU B 6 -3.22 2.78 26.34
N VAL B 7 -3.09 2.69 25.01
CA VAL B 7 -2.86 1.41 24.34
C VAL B 7 -1.53 1.38 23.59
N GLU B 8 -0.55 0.61 24.10
CA GLU B 8 0.76 0.52 23.49
C GLU B 8 0.79 -0.51 22.39
N SER B 9 1.65 -0.28 21.39
CA SER B 9 1.89 -1.22 20.30
C SER B 9 3.30 -0.96 19.72
N GLY B 10 3.76 -1.88 18.86
CA GLY B 10 5.04 -1.71 18.19
C GLY B 10 6.22 -2.45 18.80
N GLY B 11 5.95 -3.15 19.89
CA GLY B 11 6.99 -3.94 20.52
C GLY B 11 7.31 -5.17 19.69
N GLY B 12 8.55 -5.56 19.67
CA GLY B 12 8.97 -6.71 18.89
C GLY B 12 10.41 -7.07 19.10
N LEU B 13 10.84 -8.08 18.37
CA LEU B 13 12.23 -8.51 18.42
C LEU B 13 13.03 -7.58 17.51
N VAL B 14 14.14 -7.07 18.02
CA VAL B 14 14.99 -6.18 17.25
C VAL B 14 16.44 -6.57 17.48
N GLN B 15 17.27 -6.45 16.43
CA GLN B 15 18.69 -6.74 16.54
C GLN B 15 19.38 -5.49 17.13
N PRO B 16 20.43 -5.66 17.98
CA PRO B 16 21.10 -4.49 18.55
C PRO B 16 21.60 -3.52 17.48
N GLY B 17 21.40 -2.23 17.70
CA GLY B 17 21.78 -1.23 16.71
C GLY B 17 20.75 -1.01 15.62
N GLY B 18 19.71 -1.85 15.57
CA GLY B 18 18.62 -1.71 14.61
C GLY B 18 17.69 -0.59 15.03
N SER B 19 16.39 -0.68 14.68
CA SER B 19 15.45 0.36 15.09
C SER B 19 14.06 -0.17 15.34
N LEU B 20 13.38 0.42 16.32
CA LEU B 20 12.03 0.01 16.67
C LEU B 20 11.28 1.25 17.17
N ARG B 21 10.00 1.39 16.80
CA ARG B 21 9.20 2.54 17.27
C ARG B 21 7.99 2.06 18.05
N LEU B 22 7.89 2.46 19.31
CA LEU B 22 6.72 2.12 20.13
C LEU B 22 5.72 3.26 20.00
N SER B 23 4.43 2.92 20.01
CA SER B 23 3.35 3.89 19.96
C SER B 23 2.40 3.67 21.12
N CYS B 24 1.78 4.72 21.62
CA CYS B 24 0.82 4.64 22.69
C CYS B 24 -0.36 5.51 22.27
N ALA B 25 -1.49 4.87 21.93
CA ALA B 25 -2.70 5.58 21.52
C ALA B 25 -3.49 5.97 22.77
N ALA B 26 -3.67 7.28 22.98
CA ALA B 26 -4.38 7.79 24.16
C ALA B 26 -5.77 8.25 23.82
N SER B 27 -6.70 8.07 24.75
CA SER B 27 -8.06 8.54 24.58
C SER B 27 -8.75 8.72 25.95
N GLY B 28 -9.88 9.42 25.95
CA GLY B 28 -10.67 9.60 27.18
C GLY B 28 -10.25 10.75 28.07
N PHE B 29 -9.35 11.59 27.58
CA PHE B 29 -8.90 12.80 28.28
C PHE B 29 -8.33 13.80 27.27
N THR B 30 -8.09 15.04 27.70
CA THR B 30 -7.52 16.06 26.81
C THR B 30 -6.04 15.78 26.71
N PHE B 31 -5.60 15.05 25.69
CA PHE B 31 -4.22 14.62 25.57
C PHE B 31 -3.20 15.73 25.69
N ASP B 32 -3.42 16.83 24.95
CA ASP B 32 -2.43 17.92 24.96
C ASP B 32 -2.44 18.78 26.23
N ALA B 33 -3.18 18.39 27.28
CA ALA B 33 -3.15 19.11 28.56
C ALA B 33 -2.17 18.43 29.55
N TYR B 34 -1.71 17.20 29.26
CA TYR B 34 -0.89 16.42 30.17
C TYR B 34 0.47 16.03 29.68
N GLY B 35 1.40 15.94 30.63
CA GLY B 35 2.70 15.35 30.35
C GLY B 35 2.50 13.84 30.20
N MET B 36 3.41 13.17 29.49
CA MET B 36 3.32 11.72 29.25
C MET B 36 4.71 11.10 29.46
N GLY B 37 4.75 9.83 29.79
CA GLY B 37 6.03 9.16 30.02
C GLY B 37 6.03 7.71 29.64
N TRP B 38 7.24 7.14 29.60
CA TRP B 38 7.45 5.71 29.37
C TRP B 38 8.22 5.18 30.57
N PHE B 39 7.81 4.01 31.06
CA PHE B 39 8.49 3.27 32.12
C PHE B 39 8.76 1.86 31.52
N ARG B 40 9.65 1.09 32.13
CA ARG B 40 9.89 -0.28 31.66
C ARG B 40 10.16 -1.21 32.83
N GLN B 41 9.87 -2.50 32.63
CA GLN B 41 10.18 -3.47 33.66
C GLN B 41 10.56 -4.78 33.06
N ASP B 42 11.72 -5.33 33.45
CA ASP B 42 12.16 -6.66 33.02
C ASP B 42 12.01 -7.56 34.24
N PRO B 43 11.38 -8.75 34.15
CA PRO B 43 11.25 -9.60 35.35
C PRO B 43 12.52 -9.76 36.20
N GLY B 44 12.37 -9.63 37.50
CA GLY B 44 13.50 -9.71 38.43
C GLY B 44 14.16 -8.36 38.68
N LYS B 45 13.76 -7.32 37.95
CA LYS B 45 14.30 -5.98 38.15
C LYS B 45 13.16 -5.00 38.52
N GLU B 46 13.48 -3.92 39.22
CA GLU B 46 12.47 -2.93 39.58
C GLU B 46 11.97 -2.20 38.32
N ARG B 47 10.71 -1.75 38.36
CA ARG B 47 10.18 -0.90 37.27
C ARG B 47 10.97 0.41 37.30
N GLU B 48 11.34 0.93 36.12
CA GLU B 48 12.13 2.15 36.09
C GLU B 48 11.68 3.16 35.05
N PHE B 49 11.90 4.44 35.37
CA PHE B 49 11.61 5.56 34.48
C PHE B 49 12.49 5.46 33.21
N VAL B 50 11.89 5.67 32.02
CA VAL B 50 12.66 5.67 30.76
C VAL B 50 12.76 7.08 30.17
N ALA B 51 11.60 7.70 29.93
CA ALA B 51 11.58 9.04 29.32
C ALA B 51 10.24 9.70 29.55
N ALA B 52 10.20 11.05 29.45
CA ALA B 52 8.94 11.76 29.60
C ALA B 52 9.01 13.09 28.83
N LEU B 53 7.85 13.67 28.56
CA LEU B 53 7.80 14.98 27.90
C LEU B 53 6.60 15.77 28.36
N ILE B 54 6.70 17.10 28.33
CA ILE B 54 5.60 17.94 28.77
C ILE B 54 4.45 17.95 27.75
N TRP B 55 3.30 18.55 28.12
CA TRP B 55 2.08 18.65 27.32
C TRP B 55 2.34 19.00 25.86
N SER B 56 3.20 20.01 25.62
CA SER B 56 3.47 20.45 24.25
C SER B 56 4.50 19.59 23.49
N GLY B 57 5.35 18.88 24.23
CA GLY B 57 6.47 18.14 23.68
C GLY B 57 7.76 18.95 23.62
N SER B 58 7.72 20.22 24.01
CA SER B 58 8.88 21.11 23.86
C SER B 58 10.05 20.79 24.77
N SER B 59 9.79 20.15 25.93
CA SER B 59 10.80 19.76 26.91
C SER B 59 10.66 18.27 27.20
N THR B 60 11.81 17.58 27.30
CA THR B 60 11.86 16.13 27.49
C THR B 60 12.87 15.76 28.58
N ALA B 61 12.81 14.51 29.06
CA ALA B 61 13.79 14.00 30.03
C ALA B 61 13.99 12.53 29.73
N TYR B 62 15.19 12.03 30.00
CA TYR B 62 15.51 10.64 29.75
C TYR B 62 16.28 10.06 30.89
N ALA B 63 16.14 8.73 31.11
CA ALA B 63 16.99 7.99 32.05
C ALA B 63 18.44 8.12 31.49
N ASP B 64 19.44 8.32 32.35
CA ASP B 64 20.83 8.47 31.89
C ASP B 64 21.30 7.34 30.97
N SER B 65 20.88 6.09 31.24
CA SER B 65 21.29 4.95 30.44
C SER B 65 20.70 4.87 29.03
N VAL B 66 19.63 5.64 28.72
CA VAL B 66 19.04 5.63 27.37
C VAL B 66 19.30 6.93 26.56
N LYS B 67 19.86 7.96 27.22
CA LYS B 67 20.18 9.26 26.64
C LYS B 67 21.02 9.08 25.38
N GLY B 68 20.59 9.68 24.28
CA GLY B 68 21.31 9.58 23.00
C GLY B 68 20.94 8.37 22.16
N ARG B 69 20.20 7.40 22.74
CA ARG B 69 19.81 6.20 22.00
C ARG B 69 18.31 6.15 21.72
N PHE B 70 17.51 6.75 22.60
CA PHE B 70 16.07 6.77 22.41
C PHE B 70 15.62 8.23 22.22
N THR B 71 14.51 8.44 21.48
CA THR B 71 13.89 9.76 21.35
C THR B 71 12.40 9.65 21.67
N ILE B 72 11.93 10.46 22.63
CA ILE B 72 10.50 10.48 22.96
C ILE B 72 9.88 11.64 22.15
N SER B 73 8.64 11.45 21.71
CA SER B 73 7.91 12.49 20.98
C SER B 73 6.40 12.22 21.10
N ARG B 74 5.58 13.19 20.70
CA ARG B 74 4.14 12.99 20.71
C ARG B 74 3.52 13.70 19.52
N ASP B 75 2.32 13.28 19.14
CA ASP B 75 1.59 13.93 18.06
C ASP B 75 0.28 14.34 18.71
N ASN B 76 0.13 15.66 18.99
CA ASN B 76 -1.03 16.12 19.73
C ASN B 76 -2.34 16.16 18.91
N ALA B 77 -2.28 16.01 17.59
CA ALA B 77 -3.52 15.91 16.80
C ALA B 77 -4.02 14.46 16.79
N LYS B 78 -3.11 13.50 16.69
CA LYS B 78 -3.45 12.07 16.70
C LYS B 78 -3.59 11.48 18.12
N ASN B 79 -3.28 12.28 19.15
CA ASN B 79 -3.33 11.81 20.53
C ASN B 79 -2.46 10.56 20.76
N THR B 80 -1.22 10.62 20.26
CA THR B 80 -0.32 9.47 20.33
C THR B 80 1.03 9.87 20.92
N LEU B 81 1.60 8.99 21.74
CA LEU B 81 2.92 9.14 22.34
C LEU B 81 3.84 8.11 21.66
N TYR B 82 5.09 8.49 21.36
CA TYR B 82 6.03 7.57 20.71
C TYR B 82 7.31 7.41 21.52
N LEU B 83 7.99 6.28 21.32
CA LEU B 83 9.33 6.07 21.84
C LEU B 83 10.11 5.46 20.66
N GLN B 84 11.01 6.25 20.08
CA GLN B 84 11.78 5.80 18.93
C GLN B 84 13.11 5.29 19.44
N MET B 85 13.37 3.99 19.27
CA MET B 85 14.62 3.41 19.72
C MET B 85 15.55 3.38 18.52
N ASN B 86 16.51 4.29 18.51
CA ASN B 86 17.43 4.40 17.38
C ASN B 86 18.70 3.58 17.55
N ASN B 87 19.11 3.27 18.78
CA ASN B 87 20.29 2.41 19.02
C ASN B 87 19.97 1.41 20.16
N PRO B 88 19.06 0.46 19.90
CA PRO B 88 18.69 -0.49 20.98
C PRO B 88 19.84 -1.42 21.36
N LYS B 89 19.92 -1.75 22.65
CA LYS B 89 20.95 -2.61 23.24
C LYS B 89 20.29 -3.76 24.03
N PRO B 90 20.99 -4.89 24.30
CA PRO B 90 20.37 -5.98 25.07
C PRO B 90 19.76 -5.57 26.42
N GLU B 91 20.39 -4.60 27.12
CA GLU B 91 19.89 -4.07 28.40
C GLU B 91 18.49 -3.44 28.28
N ASP B 92 18.03 -3.15 27.04
CA ASP B 92 16.72 -2.54 26.82
C ASP B 92 15.57 -3.55 26.80
N THR B 93 15.85 -4.87 26.84
CA THR B 93 14.79 -5.87 26.82
C THR B 93 13.92 -5.69 28.06
N ALA B 94 12.61 -5.49 27.86
CA ALA B 94 11.67 -5.19 28.95
C ALA B 94 10.25 -5.00 28.40
N VAL B 95 9.24 -4.96 29.27
CA VAL B 95 7.92 -4.55 28.86
C VAL B 95 7.92 -3.05 29.08
N TYR B 96 7.49 -2.30 28.06
CA TYR B 96 7.46 -0.84 28.14
C TYR B 96 6.03 -0.38 28.35
N TYR B 97 5.81 0.53 29.31
CA TYR B 97 4.49 1.04 29.66
C TYR B 97 4.42 2.50 29.39
N CYS B 98 3.33 2.96 28.76
CA CYS B 98 3.12 4.40 28.66
C CYS B 98 2.24 4.82 29.82
N ALA B 99 2.41 6.04 30.28
CA ALA B 99 1.70 6.54 31.45
C ALA B 99 1.43 8.02 31.30
N ARG B 100 0.33 8.47 31.88
CA ARG B 100 -0.05 9.88 31.86
C ARG B 100 0.43 10.53 33.12
N HIS B 101 1.11 11.68 33.03
CA HIS B 101 1.51 12.37 34.27
C HIS B 101 0.26 13.04 34.84
N ARG B 102 0.20 13.21 36.18
CA ARG B 102 -0.96 13.88 36.78
C ARG B 102 -0.97 15.39 36.50
N THR B 103 0.16 15.95 35.97
CA THR B 103 0.32 17.38 35.67
C THR B 103 0.56 17.62 34.16
N ALA B 104 0.65 18.91 33.77
CA ALA B 104 1.01 19.28 32.40
C ALA B 104 2.54 19.05 32.11
N GLY B 105 3.34 18.82 33.16
CA GLY B 105 4.77 18.56 32.97
C GLY B 105 5.05 17.10 33.25
N PHE B 106 6.21 16.82 33.82
CA PHE B 106 6.56 15.44 34.18
C PHE B 106 7.45 15.40 35.41
N SER B 107 7.69 14.20 35.88
CA SER B 107 8.61 13.90 36.96
C SER B 107 9.09 12.44 36.73
N ARG B 108 10.02 11.96 37.56
CA ARG B 108 10.52 10.59 37.43
C ARG B 108 9.88 9.66 38.48
N ARG B 109 8.80 10.12 39.18
CA ARG B 109 8.15 9.35 40.24
C ARG B 109 6.93 8.65 39.73
N ASP B 110 6.89 7.33 39.85
CA ASP B 110 5.78 6.56 39.35
C ASP B 110 4.44 6.94 39.95
N TYR B 111 4.42 7.27 41.23
CA TYR B 111 3.16 7.64 41.89
C TYR B 111 2.61 9.00 41.42
N GLU B 112 3.39 9.75 40.63
CA GLU B 112 2.89 11.02 40.09
CA GLU B 112 2.90 11.01 40.07
C GLU B 112 2.31 10.81 38.68
N TYR B 113 2.26 9.55 38.15
CA TYR B 113 1.63 9.22 36.88
C TYR B 113 0.34 8.52 37.31
N ASP B 114 -0.81 9.01 36.87
CA ASP B 114 -2.08 8.53 37.37
C ASP B 114 -2.76 7.47 36.52
N TYR B 115 -2.42 7.36 35.24
CA TYR B 115 -2.99 6.33 34.37
C TYR B 115 -1.89 5.60 33.65
N TRP B 116 -2.06 4.30 33.43
CA TRP B 116 -1.04 3.43 32.84
C TRP B 116 -1.60 2.53 31.77
N GLY B 117 -0.80 2.24 30.75
CA GLY B 117 -1.18 1.27 29.74
C GLY B 117 -0.83 -0.15 30.22
N GLN B 118 -1.17 -1.18 29.44
CA GLN B 118 -0.85 -2.58 29.80
C GLN B 118 0.56 -3.05 29.37
N GLY B 119 1.21 -2.26 28.52
CA GLY B 119 2.57 -2.54 28.09
C GLY B 119 2.75 -3.24 26.75
N THR B 120 3.98 -3.16 26.24
CA THR B 120 4.38 -3.84 25.01
C THR B 120 5.80 -4.37 25.21
N GLN B 121 6.03 -5.65 24.88
CA GLN B 121 7.31 -6.29 25.07
C GLN B 121 8.30 -5.90 24.01
N VAL B 122 9.50 -5.49 24.40
CA VAL B 122 10.59 -5.23 23.47
C VAL B 122 11.69 -6.24 23.80
N THR B 123 12.19 -6.95 22.78
CA THR B 123 13.25 -7.93 23.03
C THR B 123 14.40 -7.62 22.10
N VAL B 124 15.55 -7.32 22.65
CA VAL B 124 16.71 -7.00 21.83
C VAL B 124 17.64 -8.20 21.80
N SER B 125 17.90 -8.75 20.61
CA SER B 125 18.82 -9.90 20.41
C SER B 125 20.16 -9.70 21.11
N GLN C 3 6.76 -12.12 18.03
CA GLN C 3 5.41 -12.41 18.46
C GLN C 3 4.32 -11.75 17.57
N VAL C 4 3.34 -12.57 17.11
CA VAL C 4 2.23 -12.04 16.31
C VAL C 4 1.35 -11.25 17.26
N GLN C 5 1.10 -9.98 16.95
CA GLN C 5 0.27 -9.13 17.79
CA GLN C 5 0.26 -9.15 17.79
C GLN C 5 -0.69 -8.33 16.93
N LEU C 6 -1.93 -8.18 17.39
CA LEU C 6 -2.97 -7.36 16.74
C LEU C 6 -3.50 -6.48 17.89
N VAL C 7 -3.20 -5.18 17.86
CA VAL C 7 -3.57 -4.28 18.96
C VAL C 7 -4.58 -3.25 18.53
N GLU C 8 -5.80 -3.39 19.02
CA GLU C 8 -6.91 -2.51 18.73
C GLU C 8 -6.94 -1.28 19.59
N SER C 9 -7.42 -0.20 18.99
CA SER C 9 -7.64 1.05 19.71
C SER C 9 -8.70 1.90 18.97
N GLY C 10 -9.14 2.99 19.61
CA GLY C 10 -10.06 3.91 18.97
C GLY C 10 -11.53 3.73 19.29
N GLY C 11 -11.84 2.78 20.16
CA GLY C 11 -13.23 2.54 20.55
C GLY C 11 -13.77 3.60 21.50
N GLY C 12 -15.01 3.46 21.88
CA GLY C 12 -15.63 4.39 22.81
C GLY C 12 -17.02 4.81 22.40
N LEU C 13 -17.48 5.94 22.93
CA LEU C 13 -18.82 6.48 22.71
C LEU C 13 -18.86 7.39 21.50
N VAL C 14 -19.89 7.24 20.67
CA VAL C 14 -20.08 8.08 19.51
C VAL C 14 -21.56 8.39 19.35
N GLN C 15 -21.89 9.62 18.96
CA GLN C 15 -23.28 10.03 18.73
C GLN C 15 -23.72 9.51 17.35
N PRO C 16 -25.01 9.12 17.19
CA PRO C 16 -25.45 8.62 15.87
C PRO C 16 -25.22 9.65 14.76
N GLY C 17 -24.69 9.20 13.63
CA GLY C 17 -24.37 10.10 12.54
C GLY C 17 -23.00 10.77 12.66
N GLY C 18 -22.34 10.62 13.82
CA GLY C 18 -21.01 11.16 14.04
C GLY C 18 -19.97 10.30 13.33
N SER C 19 -18.72 10.25 13.86
CA SER C 19 -17.70 9.39 13.23
C SER C 19 -16.72 8.82 14.22
N LEU C 20 -16.27 7.60 13.95
CA LEU C 20 -15.32 6.91 14.84
C LEU C 20 -14.44 6.03 13.99
N ARG C 21 -13.16 5.96 14.30
CA ARG C 21 -12.21 5.16 13.53
CA ARG C 21 -12.23 5.15 13.53
C ARG C 21 -11.52 4.16 14.42
N LEU C 22 -11.70 2.86 14.17
CA LEU C 22 -11.02 1.83 14.94
C LEU C 22 -9.72 1.52 14.21
N SER C 23 -8.67 1.22 14.97
CA SER C 23 -7.38 0.86 14.41
C SER C 23 -6.98 -0.49 14.98
N CYS C 24 -6.23 -1.25 14.19
CA CYS C 24 -5.74 -2.56 14.60
C CYS C 24 -4.26 -2.58 14.11
N ALA C 25 -3.28 -2.34 15.04
CA ALA C 25 -1.84 -2.30 14.72
C ALA C 25 -1.30 -3.72 14.71
N ALA C 26 -0.80 -4.17 13.57
CA ALA C 26 -0.29 -5.53 13.44
C ALA C 26 1.22 -5.60 13.49
N SER C 27 1.75 -6.67 14.07
CA SER C 27 3.19 -6.87 14.07
C SER C 27 3.51 -8.37 14.19
N GLY C 28 4.75 -8.72 13.87
CA GLY C 28 5.22 -10.09 14.04
C GLY C 28 4.94 -11.05 12.90
N PHE C 29 4.43 -10.52 11.79
CA PHE C 29 4.17 -11.30 10.57
C PHE C 29 4.21 -10.36 9.35
N THR C 30 4.21 -10.94 8.13
CA THR C 30 4.25 -10.12 6.92
C THR C 30 2.83 -9.62 6.71
N PHE C 31 2.52 -8.41 7.18
CA PHE C 31 1.15 -7.90 7.14
C PHE C 31 0.53 -7.93 5.77
N ASP C 32 1.26 -7.46 4.75
CA ASP C 32 0.71 -7.37 3.41
C ASP C 32 0.63 -8.73 2.68
N ALA C 33 0.84 -9.85 3.37
CA ALA C 33 0.64 -11.18 2.76
C ALA C 33 -0.75 -11.75 3.13
N TYR C 34 -1.45 -11.14 4.10
CA TYR C 34 -2.71 -11.71 4.60
C TYR C 34 -3.91 -10.81 4.47
N GLY C 35 -5.05 -11.44 4.26
CA GLY C 35 -6.33 -10.75 4.36
C GLY C 35 -6.58 -10.44 5.82
N MET C 36 -7.42 -9.43 6.09
CA MET C 36 -7.74 -9.03 7.46
C MET C 36 -9.24 -8.75 7.55
N GLY C 37 -9.80 -8.89 8.75
CA GLY C 37 -11.23 -8.67 8.93
C GLY C 37 -11.61 -8.09 10.26
N TRP C 38 -12.87 -7.62 10.36
CA TRP C 38 -13.47 -7.11 11.59
C TRP C 38 -14.73 -7.91 11.85
N PHE C 39 -14.94 -8.28 13.10
CA PHE C 39 -16.13 -8.97 13.60
C PHE C 39 -16.64 -8.17 14.79
N ARG C 40 -17.90 -8.38 15.19
CA ARG C 40 -18.45 -7.70 16.36
C ARG C 40 -19.40 -8.59 17.11
N GLN C 41 -19.55 -8.33 18.40
CA GLN C 41 -20.47 -9.10 19.21
C GLN C 41 -21.09 -8.24 20.30
N ASP C 42 -22.40 -8.21 20.40
CA ASP C 42 -23.09 -7.48 21.48
C ASP C 42 -23.54 -8.53 22.48
N PRO C 43 -23.42 -8.32 23.80
CA PRO C 43 -23.88 -9.35 24.76
C PRO C 43 -25.31 -9.85 24.51
N GLY C 44 -25.47 -11.16 24.56
CA GLY C 44 -26.75 -11.80 24.29
C GLY C 44 -26.97 -12.13 22.83
N LYS C 45 -26.07 -11.67 21.94
CA LYS C 45 -26.21 -11.93 20.52
C LYS C 45 -24.99 -12.70 19.97
N GLU C 46 -25.17 -13.36 18.83
CA GLU C 46 -24.08 -14.10 18.20
C GLU C 46 -23.04 -13.14 17.61
N ARG C 47 -21.76 -13.54 17.57
CA ARG C 47 -20.71 -12.72 16.94
C ARG C 47 -20.99 -12.70 15.45
N GLU C 48 -20.69 -11.60 14.83
CA GLU C 48 -21.09 -11.30 13.47
C GLU C 48 -19.94 -10.78 12.65
N PHE C 49 -19.83 -11.25 11.40
CA PHE C 49 -18.85 -10.70 10.45
C PHE C 49 -19.27 -9.24 10.14
N VAL C 50 -18.30 -8.31 10.12
CA VAL C 50 -18.58 -6.91 9.81
C VAL C 50 -18.02 -6.55 8.44
N ALA C 51 -16.70 -6.74 8.26
CA ALA C 51 -16.06 -6.36 7.00
C ALA C 51 -14.71 -7.06 6.89
N ALA C 52 -14.21 -7.19 5.65
CA ALA C 52 -12.89 -7.77 5.45
C ALA C 52 -12.28 -7.23 4.16
N LEU C 53 -10.96 -7.38 4.02
CA LEU C 53 -10.30 -6.97 2.78
C LEU C 53 -9.10 -7.87 2.48
N ILE C 54 -8.75 -8.00 1.20
CA ILE C 54 -7.63 -8.86 0.81
C ILE C 54 -6.30 -8.19 1.18
N TRP C 55 -5.19 -8.95 1.04
CA TRP C 55 -3.83 -8.51 1.34
C TRP C 55 -3.52 -7.09 0.84
N SER C 56 -3.89 -6.79 -0.41
CA SER C 56 -3.55 -5.50 -1.00
C SER C 56 -4.54 -4.36 -0.69
N GLY C 57 -5.74 -4.72 -0.21
CA GLY C 57 -6.82 -3.78 0.05
C GLY C 57 -7.69 -3.50 -1.16
N SER C 58 -7.36 -4.09 -2.33
CA SER C 58 -8.07 -3.76 -3.58
C SER C 58 -9.51 -4.28 -3.66
N SER C 59 -9.81 -5.35 -2.90
CA SER C 59 -11.14 -5.94 -2.83
C SER C 59 -11.57 -6.04 -1.36
N THR C 60 -12.83 -5.69 -1.10
CA THR C 60 -13.40 -5.65 0.24
C THR C 60 -14.78 -6.37 0.26
N ALA C 61 -15.28 -6.63 1.46
CA ALA C 61 -16.62 -7.17 1.65
C ALA C 61 -17.20 -6.60 2.93
N TYR C 62 -18.51 -6.43 2.97
CA TYR C 62 -19.17 -5.89 4.14
C TYR C 62 -20.42 -6.68 4.46
N ALA C 63 -20.81 -6.69 5.73
CA ALA C 63 -22.11 -7.21 6.16
C ALA C 63 -23.18 -6.28 5.51
N ASP C 64 -24.28 -6.84 5.00
CA ASP C 64 -25.32 -6.03 4.33
C ASP C 64 -25.81 -4.84 5.17
N SER C 65 -25.92 -5.03 6.49
CA SER C 65 -26.41 -3.99 7.38
C SER C 65 -25.45 -2.81 7.63
N VAL C 66 -24.16 -2.95 7.27
CA VAL C 66 -23.20 -1.84 7.44
C VAL C 66 -22.76 -1.21 6.12
N LYS C 67 -23.14 -1.80 4.97
CA LYS C 67 -22.81 -1.35 3.61
C LYS C 67 -23.21 0.11 3.45
N GLY C 68 -22.27 0.93 2.99
CA GLY C 68 -22.48 2.37 2.79
C GLY C 68 -22.32 3.23 4.03
N ARG C 69 -22.13 2.60 5.20
CA ARG C 69 -21.97 3.36 6.45
C ARG C 69 -20.56 3.21 7.03
N PHE C 70 -19.93 2.04 6.82
CA PHE C 70 -18.58 1.79 7.30
C PHE C 70 -17.64 1.64 6.11
N THR C 71 -16.37 1.98 6.29
CA THR C 71 -15.36 1.74 5.26
C THR C 71 -14.19 1.00 5.92
N ILE C 72 -13.82 -0.15 5.35
CA ILE C 72 -12.64 -0.86 5.84
C ILE C 72 -11.45 -0.44 4.95
N SER C 73 -10.28 -0.32 5.53
CA SER C 73 -9.06 0.02 4.78
C SER C 73 -7.84 -0.47 5.54
N ARG C 74 -6.67 -0.45 4.89
CA ARG C 74 -5.44 -0.83 5.55
C ARG C 74 -4.31 0.05 5.03
N ASP C 75 -3.26 0.19 5.84
CA ASP C 75 -2.08 0.93 5.40
C ASP C 75 -0.94 -0.11 5.48
N ASN C 76 -0.49 -0.62 4.33
CA ASN C 76 0.51 -1.69 4.31
C ASN C 76 1.94 -1.26 4.67
N ALA C 77 2.23 0.04 4.75
CA ALA C 77 3.55 0.49 5.22
C ALA C 77 3.55 0.61 6.75
N LYS C 78 2.44 1.09 7.32
CA LYS C 78 2.29 1.19 8.78
C LYS C 78 1.84 -0.12 9.43
N ASN C 79 1.48 -1.13 8.62
CA ASN C 79 0.98 -2.41 9.13
C ASN C 79 -0.24 -2.21 10.01
N THR C 80 -1.21 -1.43 9.53
CA THR C 80 -2.41 -1.14 10.32
C THR C 80 -3.68 -1.40 9.53
N LEU C 81 -4.71 -1.92 10.20
CA LEU C 81 -6.03 -2.16 9.64
C LEU C 81 -7.00 -1.15 10.29
N TYR C 82 -7.92 -0.58 9.51
CA TYR C 82 -8.86 0.41 10.04
C TYR C 82 -10.31 0.02 9.77
N LEU C 83 -11.22 0.52 10.62
CA LEU C 83 -12.65 0.43 10.38
C LEU C 83 -13.16 1.84 10.63
N GLN C 84 -13.55 2.53 9.57
CA GLN C 84 -14.02 3.91 9.67
C GLN C 84 -15.54 3.88 9.70
N MET C 85 -16.15 4.32 10.79
CA MET C 85 -17.60 4.37 10.90
C MET C 85 -18.00 5.78 10.52
N ASN C 86 -18.56 5.95 9.32
CA ASN C 86 -18.94 7.28 8.85
C ASN C 86 -20.39 7.65 9.16
N ASN C 87 -21.27 6.65 9.36
CA ASN C 87 -22.68 6.91 9.72
C ASN C 87 -23.10 5.90 10.80
N PRO C 88 -22.53 6.01 12.01
CA PRO C 88 -22.86 5.03 13.05
C PRO C 88 -24.30 5.13 13.54
N LYS C 89 -24.88 3.98 13.89
CA LYS C 89 -26.26 3.87 14.36
C LYS C 89 -26.31 3.06 15.67
N PRO C 90 -27.37 3.19 16.49
CA PRO C 90 -27.43 2.41 17.74
C PRO C 90 -27.20 0.91 17.57
N GLU C 91 -27.64 0.31 16.46
CA GLU C 91 -27.43 -1.12 16.17
C GLU C 91 -25.93 -1.50 16.09
N ASP C 92 -25.04 -0.52 15.96
CA ASP C 92 -23.60 -0.78 15.87
C ASP C 92 -22.92 -0.96 17.23
N THR C 93 -23.63 -0.74 18.35
CA THR C 93 -23.05 -0.92 19.68
C THR C 93 -22.65 -2.38 19.86
N ALA C 94 -21.36 -2.63 20.15
CA ALA C 94 -20.82 -4.00 20.24
C ALA C 94 -19.33 -3.95 20.61
N VAL C 95 -18.74 -5.12 20.96
CA VAL C 95 -17.30 -5.26 21.11
C VAL C 95 -16.82 -5.63 19.70
N TYR C 96 -15.86 -4.90 19.16
CA TYR C 96 -15.32 -5.12 17.83
C TYR C 96 -13.98 -5.82 17.93
N TYR C 97 -13.75 -6.82 17.07
CA TYR C 97 -12.50 -7.59 17.05
C TYR C 97 -11.89 -7.50 15.67
N CYS C 98 -10.59 -7.23 15.55
CA CYS C 98 -9.91 -7.40 14.27
C CYS C 98 -9.31 -8.80 14.27
N ALA C 99 -9.07 -9.33 13.09
CA ALA C 99 -8.57 -10.69 12.95
C ALA C 99 -7.79 -10.86 11.67
N ARG C 100 -6.80 -11.77 11.70
CA ARG C 100 -5.98 -12.07 10.53
C ARG C 100 -6.55 -13.27 9.84
N HIS C 101 -6.82 -13.17 8.53
CA HIS C 101 -7.31 -14.36 7.81
C HIS C 101 -6.15 -15.35 7.67
N ARG C 102 -6.46 -16.64 7.55
CA ARG C 102 -5.39 -17.62 7.34
C ARG C 102 -4.78 -17.45 5.93
N THR C 103 -5.50 -16.84 4.97
CA THR C 103 -5.08 -16.72 3.57
C THR C 103 -4.82 -15.26 3.17
N ALA C 104 -4.40 -15.04 1.90
CA ALA C 104 -4.22 -13.71 1.34
C ALA C 104 -5.57 -13.00 1.03
N GLY C 105 -6.67 -13.74 1.02
CA GLY C 105 -8.00 -13.17 0.76
C GLY C 105 -8.80 -13.11 2.05
N PHE C 106 -10.10 -13.35 1.98
CA PHE C 106 -10.93 -13.34 3.18
C PHE C 106 -12.12 -14.28 3.03
N SER C 107 -12.84 -14.46 4.14
CA SER C 107 -14.07 -15.21 4.18
C SER C 107 -14.91 -14.66 5.35
N ARG C 108 -16.13 -15.17 5.50
CA ARG C 108 -17.04 -14.73 6.56
CA ARG C 108 -17.01 -14.70 6.57
C ARG C 108 -17.07 -15.65 7.76
N ARG C 109 -16.15 -16.66 7.80
CA ARG C 109 -16.11 -17.67 8.87
C ARG C 109 -15.02 -17.38 9.88
N ASP C 110 -15.38 -17.25 11.18
CA ASP C 110 -14.36 -16.92 12.20
C ASP C 110 -13.28 -17.98 12.35
N TYR C 111 -13.60 -19.25 12.07
CA TYR C 111 -12.59 -20.32 12.16
C TYR C 111 -11.60 -20.31 10.98
N GLU C 112 -11.81 -19.40 9.99
CA GLU C 112 -10.86 -19.25 8.89
C GLU C 112 -9.89 -18.05 9.14
N TYR C 113 -9.94 -17.47 10.36
CA TYR C 113 -9.03 -16.44 10.85
C TYR C 113 -8.27 -17.11 12.00
N ASP C 114 -6.94 -16.85 12.10
CA ASP C 114 -6.15 -17.53 13.12
C ASP C 114 -5.68 -16.66 14.29
N TYR C 115 -5.51 -15.34 14.07
CA TYR C 115 -5.10 -14.44 15.16
C TYR C 115 -6.17 -13.38 15.36
N TRP C 116 -6.40 -12.96 16.62
CA TRP C 116 -7.44 -12.01 17.00
C TRP C 116 -6.91 -10.88 17.87
N GLY C 117 -7.48 -9.69 17.67
CA GLY C 117 -7.20 -8.55 18.54
C GLY C 117 -7.98 -8.71 19.83
N GLN C 118 -7.76 -7.79 20.78
CA GLN C 118 -8.34 -7.88 22.11
C GLN C 118 -9.83 -7.52 22.35
N GLY C 119 -10.58 -7.09 21.35
CA GLY C 119 -11.99 -6.80 21.54
C GLY C 119 -12.18 -5.44 22.19
N THR C 120 -12.73 -4.51 21.41
CA THR C 120 -12.84 -3.11 21.81
C THR C 120 -14.25 -2.62 21.74
N GLN C 121 -14.74 -2.05 22.84
CA GLN C 121 -16.14 -1.61 22.90
C GLN C 121 -16.43 -0.34 22.10
N VAL C 122 -17.50 -0.36 21.33
CA VAL C 122 -18.01 0.83 20.63
C VAL C 122 -19.45 0.99 21.11
N THR C 123 -19.82 2.20 21.56
CA THR C 123 -21.18 2.44 22.02
C THR C 123 -21.75 3.61 21.22
N VAL C 124 -22.86 3.40 20.50
CA VAL C 124 -23.48 4.46 19.72
C VAL C 124 -24.73 4.93 20.45
N SER C 125 -24.66 6.14 21.01
CA SER C 125 -25.77 6.67 21.79
C SER C 125 -25.81 8.19 21.72
N GLN D 3 -12.43 8.47 -24.56
CA GLN D 3 -13.59 8.14 -23.74
C GLN D 3 -13.27 8.00 -22.25
N VAL D 4 -12.09 8.50 -21.78
CA VAL D 4 -11.80 8.51 -20.33
C VAL D 4 -12.74 9.56 -19.73
N GLN D 5 -13.48 9.19 -18.69
CA GLN D 5 -14.39 10.12 -18.04
C GLN D 5 -14.22 10.04 -16.53
N LEU D 6 -14.21 11.21 -15.85
CA LEU D 6 -14.12 11.29 -14.40
C LEU D 6 -15.24 12.27 -14.03
N VAL D 7 -16.27 11.78 -13.35
CA VAL D 7 -17.44 12.62 -13.04
C VAL D 7 -17.64 12.76 -11.53
N GLU D 8 -17.44 13.98 -11.01
CA GLU D 8 -17.62 14.25 -9.59
C GLU D 8 -19.07 14.55 -9.26
N SER D 9 -19.51 14.13 -8.08
CA SER D 9 -20.85 14.39 -7.57
C SER D 9 -20.80 14.41 -6.03
N GLY D 10 -21.88 14.85 -5.40
CA GLY D 10 -21.95 14.93 -3.95
C GLY D 10 -21.56 16.27 -3.35
N GLY D 11 -21.26 17.24 -4.20
CA GLY D 11 -20.90 18.58 -3.75
C GLY D 11 -22.12 19.36 -3.28
N GLY D 12 -21.87 20.59 -2.88
CA GLY D 12 -22.93 21.46 -2.40
C GLY D 12 -22.59 22.11 -1.08
N LEU D 13 -23.63 22.53 -0.36
CA LEU D 13 -23.50 23.23 0.90
C LEU D 13 -23.43 22.27 2.07
N VAL D 14 -22.53 22.55 3.02
CA VAL D 14 -22.41 21.77 4.23
C VAL D 14 -22.11 22.72 5.40
N GLN D 15 -22.71 22.45 6.57
CA GLN D 15 -22.46 23.28 7.75
C GLN D 15 -21.10 22.88 8.35
N PRO D 16 -20.33 23.83 8.94
CA PRO D 16 -19.04 23.46 9.55
C PRO D 16 -19.23 22.40 10.63
N GLY D 17 -18.36 21.38 10.62
CA GLY D 17 -18.48 20.28 11.56
C GLY D 17 -19.48 19.21 11.13
N GLY D 18 -20.22 19.44 10.05
CA GLY D 18 -21.16 18.46 9.52
C GLY D 18 -20.42 17.40 8.73
N SER D 19 -21.07 16.78 7.72
CA SER D 19 -20.39 15.78 6.91
C SER D 19 -20.86 15.77 5.48
N LEU D 20 -19.94 15.51 4.57
CA LEU D 20 -20.24 15.50 3.15
CA LEU D 20 -20.23 15.50 3.14
C LEU D 20 -19.32 14.50 2.48
N ARG D 21 -19.84 13.73 1.50
CA ARG D 21 -19.01 12.74 0.80
C ARG D 21 -19.02 13.04 -0.69
N LEU D 22 -17.84 13.31 -1.26
CA LEU D 22 -17.73 13.50 -2.69
C LEU D 22 -17.48 12.14 -3.32
N SER D 23 -18.01 11.93 -4.53
CA SER D 23 -17.79 10.71 -5.29
C SER D 23 -17.24 11.10 -6.66
N CYS D 24 -16.43 10.23 -7.24
CA CYS D 24 -15.89 10.45 -8.58
C CYS D 24 -16.07 9.16 -9.32
N ALA D 25 -16.98 9.14 -10.31
CA ALA D 25 -17.27 7.97 -11.11
C ALA D 25 -16.31 7.94 -12.29
N ALA D 26 -15.53 6.87 -12.40
CA ALA D 26 -14.54 6.74 -13.45
C ALA D 26 -14.97 5.73 -14.51
N SER D 27 -14.60 5.99 -15.76
CA SER D 27 -14.88 5.07 -16.86
C SER D 27 -13.91 5.30 -18.03
N GLY D 28 -13.82 4.32 -18.91
CA GLY D 28 -12.97 4.44 -20.10
C GLY D 28 -11.51 4.08 -19.93
N PHE D 29 -11.18 3.47 -18.77
CA PHE D 29 -9.81 3.01 -18.47
C PHE D 29 -9.84 1.94 -17.36
N THR D 30 -8.71 1.25 -17.12
CA THR D 30 -8.65 0.25 -16.07
C THR D 30 -8.52 1.00 -14.74
N PHE D 31 -9.63 1.29 -14.06
CA PHE D 31 -9.61 2.09 -12.83
C PHE D 31 -8.62 1.59 -11.79
N ASP D 32 -8.67 0.29 -11.50
CA ASP D 32 -7.83 -0.27 -10.42
C ASP D 32 -6.36 -0.47 -10.79
N ALA D 33 -5.92 0.06 -11.95
CA ALA D 33 -4.50 0.05 -12.28
C ALA D 33 -3.79 1.36 -11.84
N TYR D 34 -4.55 2.43 -11.60
CA TYR D 34 -4.01 3.75 -11.38
C TYR D 34 -4.24 4.33 -10.01
N GLY D 35 -3.29 5.16 -9.59
CA GLY D 35 -3.47 6.00 -8.42
C GLY D 35 -4.46 7.11 -8.79
N MET D 36 -5.16 7.64 -7.79
CA MET D 36 -6.18 8.67 -8.00
C MET D 36 -6.02 9.72 -6.92
N GLY D 37 -6.45 10.94 -7.24
CA GLY D 37 -6.35 12.01 -6.26
C GLY D 37 -7.44 13.04 -6.36
N TRP D 38 -7.49 13.91 -5.34
CA TRP D 38 -8.40 15.04 -5.26
C TRP D 38 -7.55 16.28 -5.13
N PHE D 39 -7.94 17.32 -5.87
CA PHE D 39 -7.36 18.64 -5.83
C PHE D 39 -8.51 19.63 -5.61
N ARG D 40 -8.21 20.83 -5.17
CA ARG D 40 -9.24 21.87 -5.02
C ARG D 40 -8.71 23.22 -5.44
N GLN D 41 -9.62 24.11 -5.82
CA GLN D 41 -9.21 25.42 -6.26
C GLN D 41 -10.19 26.48 -5.85
N ASP D 42 -9.64 27.53 -5.25
CA ASP D 42 -10.30 28.78 -4.85
C ASP D 42 -10.16 29.74 -6.01
N PRO D 43 -11.18 30.55 -6.30
CA PRO D 43 -11.05 31.53 -7.40
C PRO D 43 -9.83 32.47 -7.26
N GLY D 44 -9.06 32.58 -8.34
CA GLY D 44 -7.86 33.43 -8.34
C GLY D 44 -6.61 32.78 -7.78
N LYS D 45 -6.73 31.55 -7.26
CA LYS D 45 -5.57 30.85 -6.69
C LYS D 45 -5.26 29.55 -7.46
N GLU D 46 -4.04 29.03 -7.30
CA GLU D 46 -3.61 27.81 -7.97
C GLU D 46 -4.30 26.57 -7.39
N ARG D 47 -4.31 25.46 -8.15
CA ARG D 47 -4.85 24.19 -7.67
C ARG D 47 -4.03 23.72 -6.47
N GLU D 48 -4.71 23.16 -5.48
CA GLU D 48 -4.06 22.70 -4.28
C GLU D 48 -4.31 21.20 -4.13
N PHE D 49 -3.25 20.45 -3.83
CA PHE D 49 -3.38 19.00 -3.59
C PHE D 49 -4.21 18.79 -2.32
N VAL D 50 -5.20 17.87 -2.34
CA VAL D 50 -5.99 17.56 -1.15
C VAL D 50 -5.65 16.18 -0.59
N ALA D 51 -5.75 15.14 -1.43
CA ALA D 51 -5.51 13.78 -0.98
C ALA D 51 -5.29 12.86 -2.19
N ALA D 52 -4.64 11.72 -1.98
CA ALA D 52 -4.45 10.77 -3.06
C ALA D 52 -4.28 9.37 -2.47
N LEU D 53 -4.48 8.34 -3.31
CA LEU D 53 -4.26 6.97 -2.86
C LEU D 53 -3.78 6.10 -4.02
N ILE D 54 -3.07 5.02 -3.71
CA ILE D 54 -2.55 4.14 -4.76
C ILE D 54 -3.68 3.25 -5.33
N TRP D 55 -3.38 2.54 -6.44
CA TRP D 55 -4.30 1.67 -7.16
C TRP D 55 -5.21 0.81 -6.24
N SER D 56 -4.60 0.20 -5.22
CA SER D 56 -5.29 -0.71 -4.29
C SER D 56 -5.95 -0.04 -3.10
N GLY D 57 -5.57 1.20 -2.81
CA GLY D 57 -6.08 1.95 -1.68
C GLY D 57 -5.31 1.71 -0.38
N SER D 58 -4.24 0.89 -0.40
CA SER D 58 -3.51 0.58 0.84
C SER D 58 -2.40 1.58 1.22
N SER D 59 -2.34 2.71 0.54
CA SER D 59 -1.41 3.77 0.86
C SER D 59 -2.12 5.04 0.45
N THR D 60 -2.17 6.02 1.36
CA THR D 60 -2.85 7.31 1.13
C THR D 60 -1.95 8.48 1.53
N ALA D 61 -2.29 9.70 1.08
CA ALA D 61 -1.58 10.90 1.47
C ALA D 61 -2.57 12.03 1.54
N TYR D 62 -2.31 13.00 2.42
CA TYR D 62 -3.22 14.14 2.59
C TYR D 62 -2.44 15.41 2.71
N ALA D 63 -3.06 16.54 2.30
CA ALA D 63 -2.51 17.87 2.55
C ALA D 63 -2.46 18.04 4.10
N ASP D 64 -1.39 18.64 4.64
CA ASP D 64 -1.27 18.77 6.09
C ASP D 64 -2.49 19.45 6.76
N SER D 65 -3.11 20.42 6.07
CA SER D 65 -4.27 21.15 6.62
C SER D 65 -5.58 20.36 6.64
N VAL D 66 -5.66 19.21 5.95
CA VAL D 66 -6.88 18.40 5.95
C VAL D 66 -6.73 17.08 6.72
N LYS D 67 -5.49 16.73 7.14
CA LYS D 67 -5.15 15.51 7.87
C LYS D 67 -6.03 15.41 9.12
N GLY D 68 -6.69 14.26 9.28
CA GLY D 68 -7.56 14.05 10.44
C GLY D 68 -8.99 14.56 10.26
N ARG D 69 -9.26 15.34 9.21
CA ARG D 69 -10.59 15.87 8.96
C ARG D 69 -11.24 15.22 7.73
N PHE D 70 -10.44 14.86 6.73
CA PHE D 70 -10.94 14.22 5.51
C PHE D 70 -10.35 12.80 5.42
N THR D 71 -11.07 11.89 4.74
CA THR D 71 -10.59 10.53 4.46
C THR D 71 -10.80 10.20 2.99
N ILE D 72 -9.76 9.69 2.33
CA ILE D 72 -9.88 9.28 0.93
C ILE D 72 -10.03 7.76 0.90
N SER D 73 -10.83 7.25 -0.04
CA SER D 73 -11.00 5.82 -0.21
C SER D 73 -11.46 5.55 -1.65
N ARG D 74 -11.46 4.28 -2.07
CA ARG D 74 -11.95 3.93 -3.39
C ARG D 74 -12.66 2.57 -3.31
N ASP D 75 -13.53 2.31 -4.27
CA ASP D 75 -14.19 1.01 -4.35
C ASP D 75 -13.94 0.55 -5.78
N ASN D 76 -12.90 -0.25 -5.96
CA ASN D 76 -12.46 -0.67 -7.28
C ASN D 76 -13.50 -1.44 -8.08
N ALA D 77 -14.35 -2.24 -7.40
CA ALA D 77 -15.39 -2.96 -8.12
C ALA D 77 -16.42 -1.99 -8.73
N LYS D 78 -16.68 -0.86 -8.07
CA LYS D 78 -17.64 0.12 -8.56
C LYS D 78 -16.99 1.23 -9.40
N ASN D 79 -15.66 1.19 -9.58
CA ASN D 79 -14.93 2.23 -10.30
C ASN D 79 -15.21 3.64 -9.76
N THR D 80 -15.19 3.78 -8.43
CA THR D 80 -15.50 5.05 -7.80
C THR D 80 -14.43 5.42 -6.77
N LEU D 81 -14.11 6.72 -6.72
CA LEU D 81 -13.19 7.33 -5.77
C LEU D 81 -14.02 8.20 -4.83
N TYR D 82 -13.71 8.21 -3.54
CA TYR D 82 -14.46 9.00 -2.57
C TYR D 82 -13.58 9.98 -1.81
N LEU D 83 -14.18 11.07 -1.32
CA LEU D 83 -13.53 11.99 -0.42
C LEU D 83 -14.55 12.22 0.67
N GLN D 84 -14.31 11.71 1.87
CA GLN D 84 -15.24 11.86 2.98
C GLN D 84 -14.79 13.04 3.83
N MET D 85 -15.63 14.08 3.97
CA MET D 85 -15.30 15.22 4.80
C MET D 85 -16.04 15.04 6.11
N ASN D 86 -15.31 14.72 7.19
CA ASN D 86 -15.95 14.49 8.50
C ASN D 86 -15.93 15.72 9.42
N ASN D 87 -14.99 16.63 9.21
CA ASN D 87 -14.95 17.86 10.00
C ASN D 87 -14.69 19.05 9.07
N PRO D 88 -15.65 19.35 8.17
CA PRO D 88 -15.42 20.45 7.23
C PRO D 88 -15.36 21.82 7.90
N LYS D 89 -14.52 22.71 7.35
CA LYS D 89 -14.30 24.06 7.89
C LYS D 89 -14.46 25.09 6.77
N PRO D 90 -14.72 26.39 7.10
CA PRO D 90 -14.87 27.39 6.03
C PRO D 90 -13.71 27.44 5.02
N GLU D 91 -12.47 27.18 5.45
CA GLU D 91 -11.30 27.14 4.56
C GLU D 91 -11.41 26.07 3.46
N ASP D 92 -12.33 25.11 3.60
CA ASP D 92 -12.53 24.04 2.63
C ASP D 92 -13.42 24.43 1.45
N THR D 93 -14.05 25.63 1.47
CA THR D 93 -14.88 26.07 0.36
C THR D 93 -14.01 26.22 -0.89
N ALA D 94 -14.36 25.50 -1.96
CA ALA D 94 -13.55 25.43 -3.19
C ALA D 94 -14.25 24.54 -4.25
N VAL D 95 -13.77 24.55 -5.50
CA VAL D 95 -14.22 23.60 -6.49
C VAL D 95 -13.26 22.40 -6.31
N TYR D 96 -13.80 21.19 -6.15
CA TYR D 96 -13.00 19.98 -5.96
C TYR D 96 -12.96 19.17 -7.24
N TYR D 97 -11.77 18.69 -7.61
CA TYR D 97 -11.57 17.93 -8.82
C TYR D 97 -10.99 16.58 -8.50
N CYS D 98 -11.49 15.54 -9.18
CA CYS D 98 -10.81 14.24 -9.07
C CYS D 98 -9.90 14.12 -10.29
N ALA D 99 -8.80 13.41 -10.11
CA ALA D 99 -7.79 13.29 -11.14
C ALA D 99 -7.12 11.93 -11.12
N ARG D 100 -6.69 11.48 -12.30
CA ARG D 100 -6.03 10.18 -12.41
C ARG D 100 -4.53 10.39 -12.43
N HIS D 101 -3.77 9.66 -11.61
CA HIS D 101 -2.30 9.80 -11.68
C HIS D 101 -1.80 9.03 -12.90
N ARG D 102 -0.64 9.40 -13.48
CA ARG D 102 -0.10 8.60 -14.61
C ARG D 102 0.39 7.23 -14.11
N THR D 103 0.74 7.12 -12.81
CA THR D 103 1.30 5.88 -12.29
C THR D 103 0.25 5.07 -11.46
N ALA D 104 0.65 3.89 -10.96
CA ALA D 104 -0.16 3.09 -10.03
C ALA D 104 -0.13 3.71 -8.60
N GLY D 105 0.77 4.69 -8.37
CA GLY D 105 0.88 5.39 -7.09
C GLY D 105 0.36 6.81 -7.22
N PHE D 106 0.96 7.75 -6.48
CA PHE D 106 0.54 9.14 -6.53
C PHE D 106 1.70 10.09 -6.27
N SER D 107 1.43 11.39 -6.43
CA SER D 107 2.35 12.45 -6.07
C SER D 107 1.49 13.69 -5.71
N ARG D 108 2.14 14.76 -5.27
CA ARG D 108 1.43 15.99 -4.92
C ARG D 108 1.51 17.06 -6.02
N ARG D 109 2.00 16.69 -7.23
CA ARG D 109 2.14 17.65 -8.32
C ARG D 109 1.00 17.49 -9.33
N ASP D 110 0.24 18.57 -9.54
CA ASP D 110 -0.91 18.50 -10.44
C ASP D 110 -0.54 18.05 -11.86
N TYR D 111 0.63 18.47 -12.35
CA TYR D 111 1.05 18.10 -13.71
C TYR D 111 1.43 16.61 -13.86
N GLU D 112 1.49 15.85 -12.75
CA GLU D 112 1.77 14.42 -12.82
C GLU D 112 0.47 13.57 -12.90
N TYR D 113 -0.72 14.24 -12.93
CA TYR D 113 -2.04 13.63 -13.10
C TYR D 113 -2.45 13.93 -14.54
N ASP D 114 -2.84 12.90 -15.32
CA ASP D 114 -3.11 13.13 -16.75
C ASP D 114 -4.57 13.40 -17.15
N TYR D 115 -5.54 12.90 -16.41
CA TYR D 115 -6.95 13.15 -16.70
C TYR D 115 -7.61 13.78 -15.49
N TRP D 116 -8.53 14.70 -15.75
CA TRP D 116 -9.19 15.47 -14.70
C TRP D 116 -10.69 15.51 -14.91
N GLY D 117 -11.43 15.55 -13.82
CA GLY D 117 -12.87 15.74 -13.91
C GLY D 117 -13.16 17.22 -14.10
N GLN D 118 -14.44 17.59 -14.32
CA GLN D 118 -14.80 18.99 -14.51
C GLN D 118 -14.91 19.82 -13.21
N GLY D 119 -14.95 19.14 -12.07
CA GLY D 119 -15.03 19.79 -10.77
C GLY D 119 -16.44 19.94 -10.23
N THR D 120 -16.54 20.02 -8.91
CA THR D 120 -17.81 20.21 -8.22
C THR D 120 -17.60 21.18 -7.04
N GLN D 121 -18.49 22.18 -6.90
CA GLN D 121 -18.37 23.16 -5.84
C GLN D 121 -18.75 22.61 -4.46
N VAL D 122 -17.94 22.90 -3.46
CA VAL D 122 -18.25 22.57 -2.08
C VAL D 122 -18.23 23.90 -1.34
N THR D 123 -19.30 24.21 -0.59
CA THR D 123 -19.38 25.45 0.17
C THR D 123 -19.61 25.10 1.63
N VAL D 124 -18.70 25.50 2.51
CA VAL D 124 -18.85 25.24 3.93
C VAL D 124 -19.30 26.52 4.60
N SER D 125 -20.57 26.58 5.00
CA SER D 125 -21.12 27.79 5.61
C SER D 125 -22.21 27.44 6.62
N SER D 126 -22.27 28.19 7.72
CA SER D 126 -23.27 27.96 8.76
C SER D 126 -24.60 28.66 8.45
N GLN E 3 22.72 37.72 12.76
CA GLN E 3 23.68 36.66 13.08
C GLN E 3 22.98 35.29 13.22
N VAL E 4 21.94 35.07 12.44
CA VAL E 4 21.25 33.77 12.42
C VAL E 4 22.18 32.79 11.72
N GLN E 5 22.42 31.63 12.32
CA GLN E 5 23.27 30.60 11.74
C GLN E 5 22.60 29.24 11.88
N LEU E 6 22.63 28.44 10.81
CA LEU E 6 22.10 27.07 10.78
C LEU E 6 23.24 26.25 10.20
N VAL E 7 23.81 25.35 11.01
CA VAL E 7 24.97 24.56 10.58
C VAL E 7 24.67 23.07 10.59
N GLU E 8 24.62 22.45 9.40
CA GLU E 8 24.40 21.02 9.27
C GLU E 8 25.67 20.22 9.43
N SER E 9 25.54 19.04 10.03
CA SER E 9 26.66 18.11 10.20
C SER E 9 26.11 16.66 10.26
N GLY E 10 27.00 15.68 10.20
CA GLY E 10 26.58 14.29 10.24
C GLY E 10 26.37 13.64 8.89
N GLY E 11 26.62 14.37 7.80
CA GLY E 11 26.49 13.85 6.46
C GLY E 11 27.64 12.91 6.09
N GLY E 12 27.63 12.45 4.86
CA GLY E 12 28.66 11.54 4.38
C GLY E 12 28.10 10.30 3.71
N LEU E 13 28.91 9.24 3.68
CA LEU E 13 28.57 7.99 3.03
C LEU E 13 27.87 7.03 3.99
N VAL E 14 26.82 6.36 3.51
CA VAL E 14 26.09 5.37 4.30
C VAL E 14 25.68 4.23 3.38
N GLN E 15 25.74 2.99 3.87
CA GLN E 15 25.31 1.83 3.10
C GLN E 15 23.78 1.75 3.11
N PRO E 16 23.13 1.29 2.02
CA PRO E 16 21.66 1.17 2.04
C PRO E 16 21.17 0.28 3.18
N GLY E 17 20.13 0.72 3.88
CA GLY E 17 19.63 -0.03 5.02
C GLY E 17 20.38 0.24 6.32
N GLY E 18 21.50 0.98 6.24
CA GLY E 18 22.28 1.36 7.42
C GLY E 18 21.60 2.49 8.15
N SER E 19 22.38 3.35 8.85
CA SER E 19 21.76 4.48 9.56
C SER E 19 22.66 5.69 9.61
N LEU E 20 22.04 6.86 9.55
CA LEU E 20 22.78 8.11 9.57
C LEU E 20 21.92 9.15 10.26
N ARG E 21 22.52 10.01 11.09
CA ARG E 21 21.77 11.06 11.75
C ARG E 21 22.35 12.41 11.38
N LEU E 22 21.53 13.26 10.74
CA LEU E 22 21.96 14.61 10.44
C LEU E 22 21.60 15.50 11.62
N SER E 23 22.44 16.49 11.91
CA SER E 23 22.17 17.47 12.95
C SER E 23 22.25 18.87 12.33
N CYS E 24 21.48 19.80 12.87
CA CYS E 24 21.50 21.19 12.42
C CYS E 24 21.57 22.02 13.69
N ALA E 25 22.72 22.66 13.91
CA ALA E 25 22.97 23.49 15.08
C ALA E 25 22.51 24.92 14.77
N ALA E 26 21.54 25.41 15.55
CA ALA E 26 20.98 26.72 15.31
C ALA E 26 21.47 27.72 16.34
N SER E 27 21.68 28.97 15.90
CA SER E 27 22.09 30.04 16.80
C SER E 27 21.66 31.41 16.23
N GLY E 28 21.65 32.43 17.07
CA GLY E 28 21.31 33.78 16.64
C GLY E 28 19.84 34.12 16.61
N PHE E 29 18.98 33.22 17.13
CA PHE E 29 17.54 33.46 17.22
C PHE E 29 16.93 32.55 18.31
N THR E 30 15.66 32.79 18.67
CA THR E 30 14.98 31.95 19.68
C THR E 30 14.57 30.67 18.99
N PHE E 31 15.41 29.63 19.07
CA PHE E 31 15.16 28.37 18.35
C PHE E 31 13.75 27.79 18.57
N ASP E 32 13.33 27.69 19.84
CA ASP E 32 12.05 27.05 20.17
C ASP E 32 10.83 27.90 19.91
N ALA E 33 10.99 29.04 19.19
CA ALA E 33 9.83 29.82 18.79
C ALA E 33 9.36 29.41 17.36
N TYR E 34 10.25 28.79 16.57
CA TYR E 34 10.02 28.56 15.15
C TYR E 34 9.88 27.11 14.75
N GLY E 35 9.10 26.90 13.70
CA GLY E 35 9.06 25.62 13.02
C GLY E 35 10.37 25.48 12.24
N MET E 36 10.80 24.24 11.99
CA MET E 36 12.06 23.98 11.30
C MET E 36 11.84 22.85 10.30
N GLY E 37 12.65 22.82 9.26
CA GLY E 37 12.51 21.78 8.25
C GLY E 37 13.82 21.35 7.60
N TRP E 38 13.72 20.27 6.84
CA TRP E 38 14.82 19.73 6.04
C TRP E 38 14.34 19.69 4.60
N PHE E 39 15.22 20.11 3.70
CA PHE E 39 15.02 20.03 2.27
C PHE E 39 16.26 19.30 1.69
N ARG E 40 16.15 18.81 0.47
CA ARG E 40 17.29 18.18 -0.20
C ARG E 40 17.32 18.52 -1.67
N GLN E 41 18.50 18.42 -2.28
CA GLN E 41 18.61 18.77 -3.68
C GLN E 41 19.67 17.93 -4.37
N ASP E 42 19.28 17.37 -5.52
CA ASP E 42 20.11 16.58 -6.43
C ASP E 42 20.59 17.57 -7.52
N PRO E 43 21.86 17.49 -7.97
CA PRO E 43 22.33 18.41 -9.02
C PRO E 43 21.44 18.46 -10.26
N GLY E 44 21.12 19.66 -10.71
CA GLY E 44 20.27 19.86 -11.88
C GLY E 44 18.77 19.83 -11.60
N LYS E 45 18.39 19.54 -10.35
CA LYS E 45 16.97 19.47 -9.99
C LYS E 45 16.61 20.50 -8.91
N GLU E 46 15.32 20.78 -8.75
CA GLU E 46 14.85 21.74 -7.75
C GLU E 46 14.88 21.16 -6.33
N ARG E 47 14.88 22.04 -5.31
CA ARG E 47 14.85 21.67 -3.89
C ARG E 47 13.58 20.86 -3.62
N GLU E 48 13.71 19.83 -2.81
CA GLU E 48 12.60 18.95 -2.49
C GLU E 48 12.39 19.00 -0.99
N PHE E 49 11.13 19.18 -0.55
CA PHE E 49 10.79 19.13 0.87
C PHE E 49 11.04 17.71 1.38
N VAL E 50 11.68 17.56 2.55
CA VAL E 50 11.93 16.24 3.14
C VAL E 50 11.06 16.04 4.38
N ALA E 51 11.17 16.96 5.36
CA ALA E 51 10.43 16.83 6.61
C ALA E 51 10.39 18.17 7.34
N ALA E 52 9.43 18.34 8.25
CA ALA E 52 9.37 19.57 9.06
C ALA E 52 8.64 19.29 10.36
N LEU E 53 8.84 20.15 11.35
CA LEU E 53 8.12 20.02 12.60
C LEU E 53 7.87 21.40 13.23
N ILE E 54 6.79 21.50 14.03
CA ILE E 54 6.47 22.79 14.66
C ILE E 54 7.46 23.11 15.81
N TRP E 55 7.38 24.32 16.37
CA TRP E 55 8.23 24.84 17.45
C TRP E 55 8.48 23.81 18.57
N SER E 56 7.42 23.14 19.02
CA SER E 56 7.47 22.19 20.14
C SER E 56 7.83 20.76 19.75
N GLY E 57 7.73 20.44 18.46
CA GLY E 57 7.99 19.10 17.96
C GLY E 57 6.78 18.18 18.03
N SER E 58 5.59 18.67 18.49
CA SER E 58 4.42 17.79 18.64
C SER E 58 3.54 17.65 17.39
N SER E 59 4.05 18.11 16.25
CA SER E 59 3.41 17.92 14.96
C SER E 59 4.53 17.88 13.95
N THR E 60 4.56 16.84 13.11
CA THR E 60 5.59 16.67 12.07
C THR E 60 4.94 16.38 10.72
N ALA E 61 5.72 16.49 9.63
CA ALA E 61 5.28 16.17 8.29
C ALA E 61 6.47 15.63 7.52
N TYR E 62 6.19 14.73 6.57
CA TYR E 62 7.25 14.12 5.76
C TYR E 62 6.87 14.06 4.32
N ALA E 63 7.88 14.09 3.41
CA ALA E 63 7.66 13.79 1.98
C ALA E 63 7.15 12.33 1.92
N ASP E 64 6.17 12.04 1.06
CA ASP E 64 5.60 10.68 0.99
C ASP E 64 6.65 9.59 0.77
N SER E 65 7.69 9.89 -0.03
CA SER E 65 8.74 8.91 -0.34
C SER E 65 9.70 8.59 0.81
N VAL E 66 9.72 9.41 1.88
CA VAL E 66 10.62 9.15 3.02
C VAL E 66 9.87 8.70 4.27
N LYS E 67 8.52 8.76 4.27
CA LYS E 67 7.65 8.37 5.37
C LYS E 67 7.99 6.95 5.84
N GLY E 68 8.21 6.76 7.13
CA GLY E 68 8.53 5.44 7.67
C GLY E 68 10.01 5.09 7.61
N ARG E 69 10.82 5.86 6.87
CA ARG E 69 12.27 5.60 6.74
C ARG E 69 13.10 6.65 7.44
N PHE E 70 12.60 7.89 7.50
CA PHE E 70 13.28 8.99 8.18
C PHE E 70 12.38 9.49 9.32
N THR E 71 12.98 10.02 10.36
CA THR E 71 12.23 10.65 11.44
C THR E 71 12.91 12.00 11.74
N ILE E 72 12.09 13.02 11.92
CA ILE E 72 12.57 14.35 12.26
C ILE E 72 12.30 14.56 13.76
N SER E 73 13.20 15.26 14.44
CA SER E 73 13.02 15.59 15.85
C SER E 73 13.86 16.82 16.17
N ARG E 74 13.66 17.40 17.35
CA ARG E 74 14.45 18.55 17.77
C ARG E 74 14.70 18.47 19.27
N ASP E 75 15.78 19.10 19.71
CA ASP E 75 16.08 19.19 21.13
C ASP E 75 16.15 20.68 21.41
N ASN E 76 15.07 21.25 21.96
CA ASN E 76 14.98 22.69 22.16
C ASN E 76 15.97 23.23 23.21
N ALA E 77 16.41 22.42 24.16
CA ALA E 77 17.39 22.86 25.14
C ALA E 77 18.78 22.99 24.50
N LYS E 78 19.11 22.13 23.53
CA LYS E 78 20.40 22.15 22.85
C LYS E 78 20.36 22.97 21.56
N ASN E 79 19.19 23.54 21.19
CA ASN E 79 19.05 24.30 19.93
C ASN E 79 19.49 23.52 18.70
N THR E 80 19.06 22.24 18.63
CA THR E 80 19.46 21.37 17.54
C THR E 80 18.25 20.69 16.90
N LEU E 81 18.28 20.57 15.58
CA LEU E 81 17.29 19.89 14.77
C LEU E 81 17.96 18.61 14.23
N TYR E 82 17.23 17.49 14.20
CA TYR E 82 17.79 16.23 13.71
C TYR E 82 17.00 15.64 12.57
N LEU E 83 17.66 14.81 11.75
CA LEU E 83 16.99 14.01 10.72
C LEU E 83 17.62 12.63 10.85
N GLN E 84 16.88 11.68 11.40
CA GLN E 84 17.36 10.32 11.59
C GLN E 84 16.99 9.49 10.37
N MET E 85 17.96 9.02 9.60
CA MET E 85 17.71 8.21 8.41
C MET E 85 17.89 6.74 8.81
N ASN E 86 16.78 6.03 9.11
CA ASN E 86 16.79 4.65 9.60
C ASN E 86 16.79 3.57 8.51
N ASN E 87 16.31 3.91 7.30
CA ASN E 87 16.34 2.95 6.19
C ASN E 87 16.74 3.71 4.92
N PRO E 88 18.00 4.19 4.84
CA PRO E 88 18.41 4.96 3.66
C PRO E 88 18.48 4.13 2.40
N LYS E 89 18.14 4.74 1.26
CA LYS E 89 18.11 4.10 -0.05
C LYS E 89 18.90 4.95 -1.06
N PRO E 90 19.37 4.38 -2.19
CA PRO E 90 20.13 5.18 -3.18
C PRO E 90 19.43 6.48 -3.62
N GLU E 91 18.09 6.48 -3.70
CA GLU E 91 17.32 7.69 -4.07
C GLU E 91 17.52 8.86 -3.08
N ASP E 92 18.05 8.58 -1.87
CA ASP E 92 18.26 9.61 -0.85
C ASP E 92 19.57 10.39 -1.03
N THR E 93 20.45 9.99 -1.98
CA THR E 93 21.69 10.71 -2.23
C THR E 93 21.36 12.13 -2.69
N ALA E 94 21.83 13.15 -1.95
CA ALA E 94 21.51 14.57 -2.21
C ALA E 94 22.26 15.48 -1.21
N VAL E 95 22.26 16.81 -1.45
CA VAL E 95 22.76 17.74 -0.46
C VAL E 95 21.51 18.06 0.41
N TYR E 96 21.63 17.94 1.73
CA TYR E 96 20.52 18.17 2.66
C TYR E 96 20.70 19.51 3.33
N TYR E 97 19.62 20.31 3.41
CA TYR E 97 19.64 21.63 4.01
C TYR E 97 18.67 21.72 5.14
N CYS E 98 19.08 22.35 6.25
CA CYS E 98 18.09 22.66 7.28
C CYS E 98 17.64 24.11 7.07
N ALA E 99 16.40 24.40 7.44
CA ALA E 99 15.82 25.70 7.21
C ALA E 99 14.85 26.10 8.30
N ARG E 100 14.76 27.41 8.56
CA ARG E 100 13.85 27.91 9.59
C ARG E 100 12.56 28.37 8.95
N HIS E 101 11.39 27.95 9.47
CA HIS E 101 10.15 28.47 8.89
C HIS E 101 9.92 29.89 9.39
N ARG E 102 9.19 30.73 8.63
CA ARG E 102 8.89 32.09 9.14
C ARG E 102 7.93 32.01 10.35
N THR E 103 7.15 30.93 10.47
CA THR E 103 6.15 30.83 11.52
C THR E 103 6.58 29.82 12.63
N ALA E 104 5.73 29.66 13.67
CA ALA E 104 5.90 28.64 14.72
C ALA E 104 5.53 27.23 14.20
N GLY E 105 4.90 27.15 13.00
CA GLY E 105 4.54 25.89 12.38
C GLY E 105 5.40 25.62 11.15
N PHE E 106 4.84 24.92 10.16
CA PHE E 106 5.60 24.64 8.94
C PHE E 106 4.72 24.61 7.72
N SER E 107 5.36 24.47 6.56
CA SER E 107 4.69 24.26 5.29
C SER E 107 5.68 23.47 4.38
N ARG E 108 5.23 23.08 3.19
CA ARG E 108 6.09 22.34 2.26
C ARG E 108 6.65 23.25 1.15
N ARG E 109 6.53 24.59 1.31
CA ARG E 109 6.98 25.55 0.31
C ARG E 109 8.31 26.15 0.73
N ASP E 110 9.36 25.93 -0.08
CA ASP E 110 10.68 26.44 0.28
C ASP E 110 10.71 27.96 0.52
N TYR E 111 9.93 28.73 -0.24
CA TYR E 111 9.91 30.19 -0.09
C TYR E 111 9.26 30.68 1.20
N GLU E 112 8.62 29.77 1.96
CA GLU E 112 8.03 30.14 3.24
C GLU E 112 9.02 29.92 4.43
N TYR E 113 10.27 29.48 4.14
CA TYR E 113 11.35 29.31 5.11
C TYR E 113 12.30 30.51 4.85
N ASP E 114 12.64 31.27 5.90
CA ASP E 114 13.41 32.50 5.69
C ASP E 114 14.94 32.36 5.85
N TYR E 115 15.43 31.41 6.64
CA TYR E 115 16.87 31.20 6.78
C TYR E 115 17.22 29.77 6.44
N TRP E 116 18.40 29.58 5.81
CA TRP E 116 18.85 28.29 5.33
C TRP E 116 20.27 28.01 5.72
N GLY E 117 20.57 26.74 5.96
CA GLY E 117 21.95 26.33 6.20
C GLY E 117 22.69 26.21 4.86
N GLN E 118 23.99 25.94 4.89
CA GLN E 118 24.77 25.80 3.65
C GLN E 118 24.65 24.43 2.98
N GLY E 119 24.09 23.45 3.68
CA GLY E 119 23.91 22.11 3.16
C GLY E 119 25.04 21.15 3.48
N THR E 120 24.73 19.85 3.51
CA THR E 120 25.69 18.77 3.74
C THR E 120 25.37 17.60 2.81
N GLN E 121 26.38 17.03 2.13
CA GLN E 121 26.17 15.93 1.21
C GLN E 121 25.91 14.60 1.93
N VAL E 122 24.91 13.85 1.47
CA VAL E 122 24.64 12.51 1.96
C VAL E 122 24.72 11.60 0.73
N THR E 123 25.50 10.52 0.81
CA THR E 123 25.64 9.59 -0.32
C THR E 123 25.28 8.20 0.16
N VAL E 124 24.29 7.57 -0.46
CA VAL E 124 23.88 6.23 -0.08
C VAL E 124 24.40 5.27 -1.13
N SER E 125 25.42 4.49 -0.78
CA SER E 125 26.03 3.55 -1.72
C SER E 125 26.56 2.32 -1.00
N GLN F 3 -19.14 -22.89 -0.95
CA GLN F 3 -19.43 -21.95 -2.02
C GLN F 3 -18.21 -21.68 -2.91
N VAL F 4 -16.97 -21.95 -2.43
CA VAL F 4 -15.78 -21.84 -3.30
C VAL F 4 -15.90 -22.98 -4.31
N GLN F 5 -15.78 -22.67 -5.61
CA GLN F 5 -15.87 -23.68 -6.65
C GLN F 5 -14.75 -23.46 -7.66
N LEU F 6 -14.10 -24.54 -8.09
CA LEU F 6 -13.06 -24.53 -9.13
C LEU F 6 -13.49 -25.64 -10.09
N VAL F 7 -13.84 -25.27 -11.33
CA VAL F 7 -14.35 -26.24 -12.29
C VAL F 7 -13.47 -26.31 -13.53
N GLU F 8 -12.78 -27.45 -13.74
CA GLU F 8 -11.93 -27.64 -14.91
C GLU F 8 -12.73 -28.13 -16.11
N SER F 9 -12.31 -27.72 -17.30
CA SER F 9 -12.89 -28.14 -18.56
C SER F 9 -11.84 -28.06 -19.67
N GLY F 10 -12.16 -28.59 -20.86
CA GLY F 10 -11.25 -28.54 -21.98
C GLY F 10 -10.35 -29.77 -22.12
N GLY F 11 -10.52 -30.75 -21.25
CA GLY F 11 -9.76 -31.99 -21.30
C GLY F 11 -10.22 -32.90 -22.43
N GLY F 12 -9.58 -34.04 -22.52
CA GLY F 12 -9.92 -35.01 -23.55
C GLY F 12 -8.71 -35.55 -24.27
N LEU F 13 -8.95 -36.11 -25.46
CA LEU F 13 -7.92 -36.73 -26.28
C LEU F 13 -7.22 -35.70 -27.17
N VAL F 14 -5.89 -35.81 -27.26
CA VAL F 14 -5.10 -34.93 -28.12
C VAL F 14 -3.95 -35.75 -28.73
N GLN F 15 -3.64 -35.51 -30.00
CA GLN F 15 -2.54 -36.21 -30.66
C GLN F 15 -1.21 -35.59 -30.22
N PRO F 16 -0.11 -36.37 -30.08
CA PRO F 16 1.18 -35.76 -29.69
C PRO F 16 1.61 -34.67 -30.66
N GLY F 17 2.07 -33.55 -30.11
CA GLY F 17 2.43 -32.41 -30.94
C GLY F 17 1.27 -31.52 -31.34
N GLY F 18 0.04 -31.93 -31.03
CA GLY F 18 -1.16 -31.12 -31.30
C GLY F 18 -1.29 -30.02 -30.25
N SER F 19 -2.52 -29.58 -29.94
CA SER F 19 -2.68 -28.56 -28.90
C SER F 19 -4.00 -28.70 -28.15
N LEU F 20 -3.98 -28.33 -26.86
CA LEU F 20 -5.17 -28.43 -26.02
C LEU F 20 -5.12 -27.28 -25.01
N ARG F 21 -6.27 -26.68 -24.68
CA ARG F 21 -6.29 -25.62 -23.66
C ARG F 21 -7.23 -26.02 -22.54
N LEU F 22 -6.70 -26.15 -21.32
CA LEU F 22 -7.55 -26.44 -20.17
C LEU F 22 -8.00 -25.11 -19.58
N SER F 23 -9.21 -25.08 -19.04
CA SER F 23 -9.75 -23.89 -18.38
C SER F 23 -10.20 -24.29 -16.98
N CYS F 24 -10.13 -23.36 -16.03
CA CYS F 24 -10.58 -23.60 -14.67
C CYS F 24 -11.39 -22.39 -14.27
N ALA F 25 -12.72 -22.57 -14.16
CA ALA F 25 -13.64 -21.51 -13.83
C ALA F 25 -13.75 -21.41 -12.31
N ALA F 26 -13.42 -20.25 -11.76
CA ALA F 26 -13.44 -20.04 -10.32
C ALA F 26 -14.62 -19.18 -9.87
N SER F 27 -15.18 -19.50 -8.71
CA SER F 27 -16.25 -18.69 -8.12
C SER F 27 -16.27 -18.84 -6.59
N GLY F 28 -16.94 -17.91 -5.91
CA GLY F 28 -17.09 -17.99 -4.46
C GLY F 28 -15.96 -17.40 -3.63
N PHE F 29 -15.02 -16.70 -4.30
CA PHE F 29 -13.91 -16.02 -3.64
C PHE F 29 -13.37 -14.91 -4.54
N THR F 30 -12.48 -14.05 -4.00
CA THR F 30 -11.88 -12.97 -4.81
C THR F 30 -10.78 -13.62 -5.65
N PHE F 31 -11.08 -14.01 -6.88
CA PHE F 31 -10.13 -14.73 -7.73
C PHE F 31 -8.77 -14.03 -7.86
N ASP F 32 -8.79 -12.73 -8.15
CA ASP F 32 -7.56 -11.97 -8.40
C ASP F 32 -6.78 -11.58 -7.14
N ALA F 33 -7.15 -12.16 -5.98
CA ALA F 33 -6.35 -11.96 -4.76
C ALA F 33 -5.33 -13.11 -4.57
N TYR F 34 -5.56 -14.27 -5.21
CA TYR F 34 -4.81 -15.46 -4.94
C TYR F 34 -3.97 -15.98 -6.08
N GLY F 35 -2.88 -16.63 -5.71
CA GLY F 35 -2.10 -17.40 -6.67
C GLY F 35 -2.90 -18.66 -6.99
N MET F 36 -2.66 -19.22 -8.18
CA MET F 36 -3.39 -20.40 -8.64
C MET F 36 -2.40 -21.37 -9.29
N GLY F 37 -2.74 -22.65 -9.27
CA GLY F 37 -1.87 -23.63 -9.89
C GLY F 37 -2.57 -24.80 -10.54
N TRP F 38 -1.81 -25.56 -11.29
CA TRP F 38 -2.23 -26.82 -11.92
C TRP F 38 -1.35 -27.93 -11.38
N PHE F 39 -1.98 -29.05 -11.05
CA PHE F 39 -1.33 -30.28 -10.64
C PHE F 39 -1.88 -31.39 -11.55
N ARG F 40 -1.17 -32.52 -11.61
CA ARG F 40 -1.68 -33.68 -12.37
C ARG F 40 -1.38 -34.97 -11.64
N GLN F 41 -2.17 -36.01 -11.93
CA GLN F 41 -1.99 -37.27 -11.26
C GLN F 41 -2.28 -38.43 -12.17
N ASP F 42 -1.34 -39.38 -12.20
CA ASP F 42 -1.40 -40.65 -12.92
C ASP F 42 -1.88 -41.69 -11.89
N PRO F 43 -2.75 -42.64 -12.30
CA PRO F 43 -3.22 -43.67 -11.34
C PRO F 43 -2.10 -44.40 -10.61
N GLY F 44 -2.23 -44.51 -9.29
CA GLY F 44 -1.22 -45.16 -8.45
C GLY F 44 -0.04 -44.29 -8.04
N LYS F 45 0.01 -43.06 -8.54
CA LYS F 45 1.12 -42.15 -8.21
C LYS F 45 0.63 -40.89 -7.49
N GLU F 46 1.55 -40.18 -6.81
CA GLU F 46 1.23 -38.95 -6.09
C GLU F 46 0.96 -37.79 -7.06
N ARG F 47 0.28 -36.73 -6.58
CA ARG F 47 0.02 -35.51 -7.35
C ARG F 47 1.34 -34.86 -7.69
N GLU F 48 1.47 -34.36 -8.91
CA GLU F 48 2.70 -33.74 -9.39
C GLU F 48 2.38 -32.28 -9.71
N PHE F 49 3.24 -31.36 -9.26
CA PHE F 49 3.08 -29.94 -9.59
C PHE F 49 3.31 -29.76 -11.11
N VAL F 50 2.46 -28.98 -11.80
CA VAL F 50 2.63 -28.73 -13.23
C VAL F 50 3.05 -27.27 -13.47
N ALA F 51 2.25 -26.31 -12.97
CA ALA F 51 2.54 -24.90 -13.20
C ALA F 51 1.75 -24.05 -12.21
N ALA F 52 2.20 -22.82 -11.99
CA ALA F 52 1.46 -21.90 -11.10
C ALA F 52 1.77 -20.46 -11.48
N LEU F 53 0.92 -19.52 -11.04
CA LEU F 53 1.17 -18.12 -11.27
C LEU F 53 0.61 -17.28 -10.12
N ILE F 54 1.21 -16.10 -9.90
CA ILE F 54 0.75 -15.21 -8.84
C ILE F 54 -0.60 -14.55 -9.21
N TRP F 55 -1.22 -13.85 -8.24
CA TRP F 55 -2.50 -13.17 -8.38
C TRP F 55 -2.67 -12.39 -9.70
N SER F 56 -1.63 -11.63 -10.08
CA SER F 56 -1.66 -10.78 -11.28
C SER F 56 -1.23 -11.48 -12.57
N GLY F 57 -0.59 -12.64 -12.45
CA GLY F 57 -0.06 -13.37 -13.60
C GLY F 57 1.33 -12.93 -14.06
N SER F 58 1.96 -11.97 -13.34
CA SER F 58 3.27 -11.48 -13.80
C SER F 58 4.48 -12.26 -13.28
N SER F 59 4.24 -13.41 -12.68
CA SER F 59 5.30 -14.33 -12.27
C SER F 59 4.68 -15.72 -12.38
N THR F 60 5.40 -16.63 -13.04
CA THR F 60 4.93 -17.99 -13.27
C THR F 60 6.04 -19.00 -12.89
N ALA F 61 5.66 -20.28 -12.75
CA ALA F 61 6.60 -21.34 -12.51
C ALA F 61 6.10 -22.60 -13.18
N TYR F 62 7.01 -23.47 -13.61
CA TYR F 62 6.64 -24.70 -14.30
C TYR F 62 7.46 -25.86 -13.80
N ALA F 63 6.89 -27.07 -13.87
CA ALA F 63 7.66 -28.30 -13.64
C ALA F 63 8.74 -28.35 -14.76
N ASP F 64 9.96 -28.76 -14.44
CA ASP F 64 11.05 -28.77 -15.43
C ASP F 64 10.70 -29.56 -16.70
N SER F 65 9.95 -30.65 -16.55
CA SER F 65 9.58 -31.50 -17.71
C SER F 65 8.52 -30.91 -18.64
N VAL F 66 7.82 -29.83 -18.23
CA VAL F 66 6.81 -29.21 -19.09
C VAL F 66 7.23 -27.82 -19.61
N LYS F 67 8.36 -27.27 -19.09
CA LYS F 67 8.91 -25.97 -19.47
C LYS F 67 9.08 -25.89 -20.99
N GLY F 68 8.54 -24.84 -21.60
CA GLY F 68 8.64 -24.66 -23.04
C GLY F 68 7.57 -25.37 -23.84
N ARG F 69 6.80 -26.28 -23.22
CA ARG F 69 5.73 -27.01 -23.91
C ARG F 69 4.34 -26.54 -23.45
N PHE F 70 4.21 -26.17 -22.16
CA PHE F 70 2.95 -25.68 -21.61
C PHE F 70 3.11 -24.22 -21.21
N THR F 71 2.02 -23.45 -21.26
CA THR F 71 1.99 -22.07 -20.78
C THR F 71 0.79 -21.83 -19.88
N ILE F 72 1.02 -21.25 -18.71
CA ILE F 72 -0.07 -20.96 -17.78
C ILE F 72 -0.42 -19.48 -17.92
N SER F 73 -1.69 -19.15 -17.77
CA SER F 73 -2.14 -17.76 -17.83
C SER F 73 -3.47 -17.66 -17.08
N ARG F 74 -3.95 -16.44 -16.84
CA ARG F 74 -5.24 -16.24 -16.19
C ARG F 74 -5.90 -15.01 -16.77
N ASP F 75 -7.22 -14.96 -16.70
CA ASP F 75 -7.97 -13.78 -17.13
C ASP F 75 -8.76 -13.38 -15.88
N ASN F 76 -8.25 -12.40 -15.14
CA ASN F 76 -8.88 -12.00 -13.88
C ASN F 76 -10.27 -11.39 -14.02
N ALA F 77 -10.60 -10.81 -15.18
CA ALA F 77 -11.94 -10.25 -15.38
C ALA F 77 -12.98 -11.38 -15.55
N LYS F 78 -12.58 -12.51 -16.14
CA LYS F 78 -13.46 -13.66 -16.37
C LYS F 78 -13.33 -14.71 -15.25
N ASN F 79 -12.47 -14.47 -14.24
CA ASN F 79 -12.26 -15.45 -13.15
C ASN F 79 -11.90 -16.84 -13.67
N THR F 80 -10.99 -16.89 -14.65
CA THR F 80 -10.59 -18.14 -15.26
C THR F 80 -9.08 -18.31 -15.29
N LEU F 81 -8.62 -19.53 -15.04
CA LEU F 81 -7.23 -19.93 -15.08
C LEU F 81 -7.08 -20.85 -16.31
N TYR F 82 -5.98 -20.73 -17.06
CA TYR F 82 -5.77 -21.56 -18.24
C TYR F 82 -4.47 -22.34 -18.18
N LEU F 83 -4.41 -23.47 -18.89
CA LEU F 83 -3.17 -24.22 -19.10
C LEU F 83 -3.16 -24.53 -20.60
N GLN F 84 -2.28 -23.88 -21.37
CA GLN F 84 -2.19 -24.08 -22.81
C GLN F 84 -1.16 -25.18 -23.01
N MET F 85 -1.59 -26.30 -23.61
CA MET F 85 -0.67 -27.46 -23.75
C MET F 85 -0.19 -27.59 -25.20
N ASN F 86 0.83 -26.82 -25.58
CA ASN F 86 1.42 -26.92 -26.90
C ASN F 86 2.45 -28.09 -26.78
N ASN F 87 2.81 -28.71 -27.88
CA ASN F 87 3.72 -29.87 -27.86
C ASN F 87 3.38 -30.95 -26.76
N PRO F 88 2.10 -31.35 -26.60
CA PRO F 88 1.80 -32.42 -25.66
C PRO F 88 2.51 -33.73 -26.05
N LYS F 89 2.90 -34.52 -25.05
CA LYS F 89 3.61 -35.78 -25.21
C LYS F 89 2.89 -36.90 -24.45
N PRO F 90 3.11 -38.19 -24.79
CA PRO F 90 2.42 -39.27 -24.05
C PRO F 90 2.59 -39.21 -22.52
N GLU F 91 3.74 -38.74 -22.03
CA GLU F 91 4.00 -38.59 -20.59
C GLU F 91 3.02 -37.61 -19.91
N ASP F 92 2.31 -36.78 -20.67
CA ASP F 92 1.37 -35.81 -20.14
C ASP F 92 -0.01 -36.40 -19.83
N THR F 93 -0.30 -37.67 -20.23
CA THR F 93 -1.58 -38.30 -19.94
C THR F 93 -1.76 -38.38 -18.42
N ALA F 94 -2.83 -37.77 -17.90
CA ALA F 94 -3.08 -37.68 -16.44
C ALA F 94 -4.42 -36.98 -16.18
N VAL F 95 -4.91 -37.00 -14.93
CA VAL F 95 -6.04 -36.18 -14.54
C VAL F 95 -5.40 -34.86 -14.08
N TYR F 96 -5.86 -33.72 -14.61
CA TYR F 96 -5.33 -32.40 -14.28
C TYR F 96 -6.26 -31.69 -13.33
N TYR F 97 -5.71 -31.06 -12.27
CA TYR F 97 -6.49 -30.36 -11.27
C TYR F 97 -6.06 -28.92 -11.18
N CYS F 98 -7.01 -28.01 -11.04
CA CYS F 98 -6.64 -26.63 -10.71
C CYS F 98 -6.82 -26.44 -9.21
N ALA F 99 -6.00 -25.57 -8.64
CA ALA F 99 -6.01 -25.38 -7.19
C ALA F 99 -5.71 -23.94 -6.81
N ARG F 100 -6.25 -23.50 -5.67
CA ARG F 100 -6.03 -22.15 -5.20
C ARG F 100 -4.95 -22.14 -4.15
N HIS F 101 -3.94 -21.25 -4.28
CA HIS F 101 -2.91 -21.18 -3.25
C HIS F 101 -3.44 -20.47 -2.01
N ARG F 102 -2.81 -20.74 -0.88
CA ARG F 102 -3.07 -20.08 0.39
C ARG F 102 -2.75 -18.55 0.29
N THR F 103 -1.75 -18.20 -0.52
CA THR F 103 -1.26 -16.84 -0.60
C THR F 103 -1.58 -16.15 -1.97
N ALA F 104 -1.13 -14.88 -2.14
CA ALA F 104 -1.20 -14.15 -3.40
C ALA F 104 -0.12 -14.65 -4.40
N GLY F 105 0.82 -15.49 -3.93
CA GLY F 105 1.85 -16.09 -4.77
C GLY F 105 1.60 -17.57 -4.95
N PHE F 106 2.67 -18.36 -5.07
CA PHE F 106 2.53 -19.80 -5.23
C PHE F 106 3.68 -20.55 -4.62
N SER F 107 3.57 -21.88 -4.62
CA SER F 107 4.65 -22.78 -4.25
C SER F 107 4.44 -24.11 -5.01
N ARG F 108 5.37 -25.05 -4.86
CA ARG F 108 5.25 -26.34 -5.55
C ARG F 108 4.75 -27.46 -4.62
N ARG F 109 4.25 -27.10 -3.43
CA ARG F 109 3.78 -28.06 -2.43
C ARG F 109 2.25 -28.14 -2.47
N ASP F 110 1.71 -29.32 -2.78
CA ASP F 110 0.25 -29.48 -2.87
C ASP F 110 -0.48 -29.09 -1.58
N TYR F 111 0.12 -29.37 -0.42
CA TYR F 111 -0.51 -29.04 0.86
C TYR F 111 -0.59 -27.53 1.16
N GLU F 112 0.08 -26.70 0.35
CA GLU F 112 0.00 -25.24 0.51
C GLU F 112 -1.13 -24.60 -0.35
N TYR F 113 -1.92 -25.45 -1.07
CA TYR F 113 -3.09 -25.05 -1.86
C TYR F 113 -4.32 -25.51 -1.03
N ASP F 114 -5.29 -24.62 -0.81
CA ASP F 114 -6.44 -24.89 0.05
CA ASP F 114 -6.41 -24.97 0.08
C ASP F 114 -7.68 -25.45 -0.61
N TYR F 115 -7.94 -25.06 -1.85
CA TYR F 115 -9.13 -25.53 -2.57
C TYR F 115 -8.71 -26.16 -3.85
N TRP F 116 -9.44 -27.21 -4.26
CA TRP F 116 -9.09 -28.00 -5.44
C TRP F 116 -10.31 -28.28 -6.29
N GLY F 117 -10.09 -28.32 -7.60
CA GLY F 117 -11.17 -28.74 -8.50
C GLY F 117 -11.33 -30.26 -8.48
N GLN F 118 -12.35 -30.80 -9.17
CA GLN F 118 -12.54 -32.26 -9.21
C GLN F 118 -11.62 -32.98 -10.22
N GLY F 119 -10.96 -32.24 -11.10
CA GLY F 119 -10.06 -32.81 -12.08
C GLY F 119 -10.70 -33.09 -13.43
N THR F 120 -9.87 -33.10 -14.48
CA THR F 120 -10.29 -33.42 -15.84
C THR F 120 -9.21 -34.28 -16.52
N GLN F 121 -9.62 -35.37 -17.18
CA GLN F 121 -8.68 -36.27 -17.83
C GLN F 121 -8.12 -35.71 -19.14
N VAL F 122 -6.81 -35.81 -19.33
CA VAL F 122 -6.16 -35.46 -20.57
C VAL F 122 -5.47 -36.74 -21.05
N THR F 123 -5.70 -37.14 -22.31
CA THR F 123 -5.06 -38.33 -22.85
C THR F 123 -4.32 -37.95 -24.12
N VAL F 124 -3.00 -38.18 -24.15
CA VAL F 124 -2.20 -37.85 -25.31
C VAL F 124 -1.89 -39.15 -26.04
N SER F 125 -2.54 -39.37 -27.18
CA SER F 125 -2.36 -40.61 -27.95
C SER F 125 -2.51 -40.36 -29.43
N SER F 126 -1.68 -41.03 -30.23
CA SER F 126 -1.69 -40.89 -31.69
C SER F 126 -2.78 -41.73 -32.33
S SO4 G . 3.72 -17.06 -19.30
O1 SO4 G . 4.57 -17.98 -18.45
O2 SO4 G . 2.39 -16.77 -18.73
O3 SO4 G . 3.50 -17.72 -20.58
O4 SO4 G . 4.40 -15.77 -19.55
C1 GOL H . -3.19 17.65 11.78
O1 GOL H . -4.45 17.14 12.20
C2 GOL H . -2.47 18.33 12.92
O2 GOL H . -1.06 18.18 12.77
C3 GOL H . -2.81 19.79 13.09
O3 GOL H . -2.22 20.30 14.28
C1 GOL I . 5.96 -14.06 2.68
O1 GOL I . 6.11 -13.44 3.94
C2 GOL I . 4.68 -13.62 2.01
O2 GOL I . 4.89 -12.44 1.24
C3 GOL I . 4.11 -14.71 1.12
O3 GOL I . 2.86 -14.31 0.59
C1 GOL J . -3.39 -27.75 9.28
O1 GOL J . -4.21 -27.44 10.40
C2 GOL J . -3.86 -27.01 8.04
O2 GOL J . -2.93 -27.20 6.97
C3 GOL J . -5.23 -27.48 7.63
O3 GOL J . -5.91 -26.45 6.90
S SO4 K . 1.43 6.74 12.91
O1 SO4 K . 1.15 6.89 14.35
O2 SO4 K . 1.49 5.31 12.58
O3 SO4 K . 2.71 7.36 12.59
O4 SO4 K . 0.37 7.37 12.13
S SO4 L . 4.53 -14.91 6.92
O1 SO4 L . 5.85 -15.54 6.77
O2 SO4 L . 3.60 -15.86 7.55
O3 SO4 L . 4.04 -14.54 5.57
O4 SO4 L . 4.64 -13.73 7.79
S SO4 M . 2.86 -5.23 -5.26
O1 SO4 M . 3.26 -5.21 -3.85
O2 SO4 M . 2.48 -6.59 -5.63
O3 SO4 M . 3.97 -4.78 -6.09
O4 SO4 M . 1.72 -4.33 -5.44
S SO4 N . 0.32 10.01 8.61
O1 SO4 N . 1.42 9.70 9.54
O2 SO4 N . -0.92 10.29 9.33
O3 SO4 N . 0.03 8.86 7.76
O4 SO4 N . 0.71 11.13 7.75
C1 GOL O . 6.22 10.99 -10.94
O1 GOL O . 5.34 10.19 -11.71
C2 GOL O . 6.54 10.35 -9.61
O2 GOL O . 7.20 11.29 -8.77
C3 GOL O . 5.29 9.84 -8.94
O3 GOL O . 5.61 9.09 -7.77
S SO4 P . -9.72 10.95 -24.36
O1 SO4 P . -10.18 9.77 -23.62
O2 SO4 P . -10.28 12.17 -23.74
O3 SO4 P . -8.25 11.01 -24.31
O4 SO4 P . -10.18 10.89 -25.75
C1 GOL Q . 9.32 11.99 15.05
O1 GOL Q . 9.79 12.98 15.97
C2 GOL Q . 7.87 12.26 14.69
O2 GOL Q . 7.59 11.85 13.35
C3 GOL Q . 7.02 11.47 15.65
O3 GOL Q . 7.00 12.16 16.86
S CXS R . -11.64 -28.93 1.12
O1 CXS R . -12.40 -29.34 2.28
O2 CXS R . -10.33 -29.64 1.08
O3 CXS R . -12.34 -29.06 -0.14
C1 CXS R . -11.25 -27.22 1.32
C2 CXS R . -10.62 -26.90 2.66
C3 CXS R . -10.52 -25.41 2.89
N CXS R . -9.72 -25.00 4.06
C4 CXS R . -9.22 -23.62 3.96
C5 CXS R . -10.34 -22.68 4.40
C6 CXS R . -9.87 -21.22 4.42
C7 CXS R . -8.65 -21.05 5.30
C8 CXS R . -7.53 -22.00 4.88
C9 CXS R . -8.00 -23.45 4.85
S SO4 S . -19.14 -15.68 0.90
O1 SO4 S . -18.65 -16.31 2.13
O2 SO4 S . -20.46 -15.10 1.15
O3 SO4 S . -18.22 -14.64 0.48
O4 SO4 S . -19.23 -16.68 -0.14
S SO4 T . -16.54 -24.29 1.21
O1 SO4 T . -15.38 -24.16 2.11
O2 SO4 T . -17.75 -24.48 2.01
O3 SO4 T . -16.32 -25.49 0.38
O4 SO4 T . -16.67 -23.07 0.38
S SO4 U . -13.63 -35.83 -17.09
O1 SO4 U . -14.67 -36.70 -17.65
O2 SO4 U . -13.69 -35.88 -15.63
O3 SO4 U . -12.32 -36.31 -17.54
O4 SO4 U . -13.83 -34.47 -17.56
#